data_3VSL
#
_entry.id   3VSL
#
_cell.length_a   143.031
_cell.length_b   143.031
_cell.length_c   189.610
_cell.angle_alpha   90.00
_cell.angle_beta   90.00
_cell.angle_gamma   90.00
#
_symmetry.space_group_name_H-M   'P 43 21 2'
#
loop_
_entity.id
_entity.type
_entity.pdbx_description
1 polymer 'Penicillin-binding protein 3'
2 non-polymer "CEFOTAXIME, C3' cleaved, open, bound form"
3 water water
#
_entity_poly.entity_id   1
_entity_poly.type   'polypeptide(L)'
_entity_poly.pdbx_seq_one_letter_code
;AQGSHYKQIIKNDENITVNESVPRGRILDRNGKVLVDNASKMAITYTRGRKTTQSEMLDTAEKLSKLIKMDTKKITERDK
KDFWIQLHPKKAKAMMTKEQAMLADGSIKQDQYDKQLLSKIRKSQLDELSSKDLQVLAIFREMNAGTVLDPQMIKNEDVS
EKEYAAVSQQLSKLPGVNTSMDWDRKYPYGDTLRGIFGDVSTPAEGIPKELTEHYLSKGYSRNDRVGKSYLEYQYEDVLR
GKKKEMKYTTDKSGKVTSSEVLNPGARGQDLKLTIDIDLQKEVEALLDKQIKKLRSQGAKDMDNAMMVVQNPKNGDILAL
AGKQINKSGKMTDYDIGTFTSQFAVGSSVKGGTLLAGYQNKAIKVGETMVDEPLHFQGGLTKRSYFNKNGHVSINDKQAL
MHSSNVYMFKTALKLAGDPYYSGMALPSDISSPAQKLRRGLNQVGLGVKTGIDLPNETRGQIEPLTNNPGNYLDLSIGQY
DTYTPLQLSQYVSTIANDGYRIQPHIGLTIHESTNKDEVGPLKKKINGTVLNKVNNTEKEIKQIQEGFKMAFNDKDGTGY
VSFKDTVVPTAGKTGTAEVFQNGEPRVNSTYIGYAPIDDPKLAFSIVYTNQPVPPPWLTGGDLGRDVINYYFKQLGKDDK
NKDKDK
;
_entity_poly.pdbx_strand_id   A,B
#
# COMPACT_ATOMS: atom_id res chain seq x y z
N ALA A 1 38.38 7.96 12.54
CA ALA A 1 39.38 7.42 11.62
C ALA A 1 38.74 6.99 10.29
N GLN A 2 38.30 7.97 9.50
CA GLN A 2 37.63 7.73 8.22
C GLN A 2 38.52 7.01 7.19
N GLY A 3 38.01 5.91 6.64
CA GLY A 3 38.76 5.07 5.70
C GLY A 3 38.74 5.56 4.26
N SER A 4 39.48 4.87 3.40
CA SER A 4 39.82 5.39 2.09
C SER A 4 39.81 4.37 0.97
N HIS A 5 38.69 4.25 0.25
CA HIS A 5 38.64 3.40 -0.93
C HIS A 5 38.42 4.23 -2.19
N TYR A 6 39.38 4.19 -3.12
CA TYR A 6 39.28 4.94 -4.38
C TYR A 6 38.07 4.49 -5.17
N LYS A 7 37.20 5.43 -5.52
CA LYS A 7 35.91 5.06 -6.11
C LYS A 7 35.81 5.45 -7.58
N GLN A 8 36.45 6.55 -7.93
CA GLN A 8 36.21 7.19 -9.22
C GLN A 8 37.41 8.07 -9.56
N ILE A 9 38.01 7.80 -10.71
CA ILE A 9 39.10 8.63 -11.22
C ILE A 9 38.75 9.13 -12.63
N ILE A 10 38.57 10.44 -12.77
CA ILE A 10 38.38 11.02 -14.11
C ILE A 10 39.52 11.93 -14.58
N LYS A 11 40.08 11.61 -15.75
CA LYS A 11 41.04 12.50 -16.39
C LYS A 11 40.25 13.50 -17.23
N ASN A 12 40.53 14.78 -17.04
CA ASN A 12 40.08 15.78 -17.99
C ASN A 12 41.28 16.12 -18.86
N ASP A 13 41.81 17.33 -18.72
CA ASP A 13 43.01 17.63 -19.47
C ASP A 13 44.26 17.30 -18.66
N GLU A 14 44.83 18.33 -18.03
CA GLU A 14 45.97 18.15 -17.14
C GLU A 14 45.44 18.01 -15.72
N ASN A 15 44.12 17.98 -15.59
CA ASN A 15 43.48 17.74 -14.30
C ASN A 15 43.01 16.29 -14.17
N ILE A 16 43.25 15.68 -13.01
CA ILE A 16 42.69 14.37 -12.71
C ILE A 16 42.01 14.42 -11.33
N THR A 17 40.72 14.06 -11.30
CA THR A 17 39.93 14.13 -10.08
C THR A 17 39.63 12.77 -9.50
N VAL A 18 39.79 12.67 -8.17
CA VAL A 18 39.70 11.36 -7.49
C VAL A 18 38.70 11.38 -6.34
N ASN A 19 37.84 10.36 -6.25
CA ASN A 19 36.85 10.28 -5.17
C ASN A 19 37.01 8.99 -4.37
N GLU A 20 36.97 9.11 -3.06
CA GLU A 20 37.12 7.93 -2.20
C GLU A 20 35.87 7.71 -1.35
N SER A 21 35.38 6.48 -1.30
CA SER A 21 34.30 6.19 -0.37
C SER A 21 34.85 6.21 1.06
N VAL A 22 33.96 6.51 1.99
CA VAL A 22 34.30 6.49 3.39
C VAL A 22 33.15 5.76 4.10
N PRO A 23 33.43 5.17 5.28
CA PRO A 23 32.46 4.29 5.94
C PRO A 23 31.15 5.02 6.26
N ARG A 24 30.02 4.34 6.08
CA ARG A 24 28.73 4.84 6.54
C ARG A 24 28.69 4.79 8.05
N GLY A 25 27.75 5.52 8.65
CA GLY A 25 27.55 5.50 10.08
C GLY A 25 26.90 4.19 10.47
N ARG A 26 27.02 3.84 11.75
CA ARG A 26 26.52 2.58 12.27
C ARG A 26 25.07 2.67 12.66
N ILE A 27 24.45 1.50 12.75
CA ILE A 27 23.10 1.38 13.31
C ILE A 27 23.17 0.64 14.65
N LEU A 28 22.62 1.24 15.70
CA LEU A 28 22.71 0.66 17.04
C LEU A 28 21.35 0.56 17.69
N ASP A 29 21.22 -0.31 18.69
CA ASP A 29 19.93 -0.52 19.37
C ASP A 29 19.70 0.55 20.45
N ARG A 30 18.60 0.48 21.19
CA ARG A 30 18.29 1.57 22.12
C ARG A 30 19.25 1.58 23.29
N ASN A 31 20.11 0.57 23.36
CA ASN A 31 21.03 0.45 24.46
C ASN A 31 22.49 0.52 24.01
N GLY A 32 22.71 0.60 22.70
CA GLY A 32 24.04 0.87 22.18
C GLY A 32 24.75 -0.31 21.56
N LYS A 33 24.14 -1.49 21.65
CA LYS A 33 24.66 -2.66 20.93
C LYS A 33 24.75 -2.41 19.40
N VAL A 34 25.96 -2.50 18.84
CA VAL A 34 26.14 -2.39 17.38
C VAL A 34 25.24 -3.38 16.62
N LEU A 35 24.44 -2.90 15.67
CA LEU A 35 23.64 -3.83 14.89
C LEU A 35 24.17 -3.85 13.48
N VAL A 36 24.58 -2.69 13.03
CA VAL A 36 25.19 -2.60 11.72
C VAL A 36 26.46 -1.78 11.82
N ASP A 37 27.53 -2.35 11.27
CA ASP A 37 28.85 -1.73 11.32
C ASP A 37 29.47 -1.89 9.96
N ASN A 38 30.77 -1.63 9.85
CA ASN A 38 31.44 -1.67 8.57
C ASN A 38 32.65 -2.58 8.60
N ALA A 39 33.08 -3.01 7.42
CA ALA A 39 34.19 -3.95 7.34
C ALA A 39 34.95 -3.66 6.09
N SER A 40 36.27 -3.54 6.20
CA SER A 40 37.09 -3.42 5.00
C SER A 40 37.33 -4.82 4.42
N LYS A 41 37.00 -4.97 3.15
CA LYS A 41 37.01 -6.28 2.51
C LYS A 41 37.65 -6.21 1.15
N MET A 42 38.41 -7.27 0.84
CA MET A 42 38.93 -7.50 -0.48
C MET A 42 37.85 -8.32 -1.19
N ALA A 43 37.63 -8.07 -2.48
CA ALA A 43 36.74 -8.93 -3.27
C ALA A 43 37.51 -9.48 -4.47
N ILE A 44 37.60 -10.81 -4.50
CA ILE A 44 38.30 -11.52 -5.54
C ILE A 44 37.22 -12.10 -6.42
N THR A 45 37.27 -11.81 -7.71
CA THR A 45 36.27 -12.28 -8.66
C THR A 45 36.95 -13.00 -9.82
N TYR A 46 36.22 -13.90 -10.47
CA TYR A 46 36.69 -14.50 -11.72
C TYR A 46 35.82 -14.01 -12.86
N THR A 47 36.44 -13.77 -14.00
CA THR A 47 35.74 -13.34 -15.20
C THR A 47 36.11 -14.33 -16.27
N ARG A 48 35.21 -15.28 -16.53
CA ARG A 48 35.48 -16.41 -17.44
C ARG A 48 35.31 -16.01 -18.90
N GLY A 49 36.32 -16.26 -19.73
CA GLY A 49 36.26 -15.83 -21.13
C GLY A 49 35.26 -16.59 -21.99
N ARG A 50 35.18 -16.20 -23.26
CA ARG A 50 34.32 -16.90 -24.23
C ARG A 50 34.77 -18.35 -24.43
N LYS A 51 36.02 -18.53 -24.88
CA LYS A 51 36.57 -19.87 -25.04
C LYS A 51 37.52 -20.20 -23.89
N THR A 52 36.97 -20.42 -22.70
CA THR A 52 37.76 -20.82 -21.53
C THR A 52 37.33 -22.20 -21.05
N THR A 53 38.30 -23.11 -20.95
CA THR A 53 38.01 -24.52 -20.72
C THR A 53 37.74 -24.86 -19.25
N GLN A 54 37.60 -26.17 -18.99
CA GLN A 54 37.45 -26.69 -17.64
C GLN A 54 38.82 -27.01 -17.06
N SER A 55 39.72 -27.51 -17.91
CA SER A 55 41.12 -27.69 -17.52
C SER A 55 41.75 -26.34 -17.24
N GLU A 56 41.28 -25.32 -17.96
CA GLU A 56 41.74 -23.95 -17.81
C GLU A 56 41.47 -23.51 -16.38
N MET A 57 40.18 -23.58 -16.02
CA MET A 57 39.66 -23.12 -14.74
C MET A 57 40.13 -23.91 -13.49
N LEU A 58 40.21 -25.23 -13.61
CA LEU A 58 40.69 -26.08 -12.51
C LEU A 58 42.13 -25.72 -12.13
N ASP A 59 42.90 -25.26 -13.13
CA ASP A 59 44.27 -24.84 -12.89
C ASP A 59 44.35 -23.55 -12.11
N THR A 60 43.70 -22.49 -12.62
CA THR A 60 43.57 -21.24 -11.90
C THR A 60 43.04 -21.50 -10.49
N ALA A 61 41.98 -22.30 -10.39
CA ALA A 61 41.39 -22.67 -9.10
C ALA A 61 42.41 -23.24 -8.13
N GLU A 62 43.33 -24.05 -8.65
CA GLU A 62 44.42 -24.64 -7.86
C GLU A 62 45.38 -23.57 -7.30
N LYS A 63 45.93 -22.75 -8.18
CA LYS A 63 46.80 -21.66 -7.76
C LYS A 63 46.03 -20.71 -6.84
N LEU A 64 44.73 -20.57 -7.08
CA LEU A 64 43.89 -19.72 -6.25
C LEU A 64 43.72 -20.26 -4.82
N SER A 65 43.82 -21.59 -4.67
CA SER A 65 43.69 -22.21 -3.35
C SER A 65 44.90 -22.00 -2.47
N LYS A 66 46.09 -22.02 -3.06
CA LYS A 66 47.31 -21.88 -2.27
C LYS A 66 47.52 -20.42 -1.90
N LEU A 67 46.43 -19.68 -1.74
CA LEU A 67 46.52 -18.23 -1.69
C LEU A 67 45.43 -17.62 -0.82
N ILE A 68 44.28 -18.30 -0.76
CA ILE A 68 43.18 -17.89 0.13
C ILE A 68 42.41 -19.14 0.58
N LYS A 69 41.83 -19.08 1.78
CA LYS A 69 41.01 -20.19 2.28
C LYS A 69 39.56 -19.94 1.89
N MET A 70 38.80 -21.02 1.78
CA MET A 70 37.40 -20.95 1.41
C MET A 70 36.58 -21.65 2.48
N ASP A 71 35.28 -21.35 2.52
CA ASP A 71 34.37 -22.13 3.35
C ASP A 71 33.82 -23.26 2.47
N THR A 72 33.75 -24.45 3.04
CA THR A 72 33.29 -25.62 2.30
C THR A 72 31.82 -25.53 1.91
N LYS A 73 30.97 -25.89 2.86
CA LYS A 73 29.58 -26.26 2.58
C LYS A 73 28.72 -25.28 1.79
N LYS A 74 29.16 -24.92 0.59
CA LYS A 74 28.24 -24.55 -0.48
C LYS A 74 28.26 -25.71 -1.46
N ILE A 75 29.29 -26.54 -1.31
CA ILE A 75 29.50 -27.76 -2.08
C ILE A 75 28.29 -28.70 -2.01
N THR A 76 27.82 -29.16 -3.18
CA THR A 76 26.71 -30.11 -3.27
C THR A 76 27.24 -31.52 -3.55
N GLU A 77 26.38 -32.51 -3.38
CA GLU A 77 26.75 -33.87 -3.73
C GLU A 77 27.22 -33.93 -5.19
N ARG A 78 26.48 -33.27 -6.08
CA ARG A 78 26.82 -33.31 -7.50
C ARG A 78 28.17 -32.65 -7.77
N ASP A 79 28.45 -31.54 -7.09
CA ASP A 79 29.75 -30.87 -7.19
C ASP A 79 30.91 -31.82 -6.97
N LYS A 80 30.75 -32.66 -5.96
CA LYS A 80 31.77 -33.61 -5.52
C LYS A 80 31.88 -34.76 -6.50
N LYS A 81 30.72 -35.22 -6.99
CA LYS A 81 30.69 -36.31 -7.95
C LYS A 81 31.29 -35.87 -9.28
N ASP A 82 31.03 -34.62 -9.64
CA ASP A 82 31.61 -34.08 -10.86
C ASP A 82 33.11 -33.83 -10.70
N PHE A 83 33.49 -33.19 -9.61
CA PHE A 83 34.89 -32.98 -9.28
C PHE A 83 35.70 -34.29 -9.24
N TRP A 84 35.08 -35.37 -8.78
CA TRP A 84 35.73 -36.67 -8.71
C TRP A 84 35.99 -37.25 -10.10
N ILE A 85 35.01 -37.15 -10.98
CA ILE A 85 35.16 -37.66 -12.33
C ILE A 85 36.22 -36.84 -13.04
N GLN A 86 36.19 -35.53 -12.77
CA GLN A 86 37.20 -34.57 -13.23
C GLN A 86 38.61 -34.92 -12.76
N LEU A 87 38.73 -35.36 -11.52
CA LEU A 87 40.03 -35.67 -10.92
C LEU A 87 40.46 -37.11 -11.18
N HIS A 88 39.51 -38.03 -11.28
CA HIS A 88 39.87 -39.44 -11.45
C HIS A 88 39.28 -40.14 -12.69
N PRO A 89 39.58 -39.61 -13.89
CA PRO A 89 38.95 -40.15 -15.09
C PRO A 89 39.36 -41.59 -15.38
N LYS A 90 40.56 -41.98 -14.98
CA LYS A 90 41.00 -43.34 -15.18
C LYS A 90 40.17 -44.26 -14.27
N LYS A 91 39.95 -43.81 -13.04
CA LYS A 91 39.25 -44.59 -12.04
C LYS A 91 37.78 -44.72 -12.39
N ALA A 92 37.24 -43.64 -12.96
CA ALA A 92 35.83 -43.51 -13.30
C ALA A 92 35.46 -44.32 -14.53
N LYS A 93 36.37 -44.41 -15.49
CA LYS A 93 36.14 -45.15 -16.72
C LYS A 93 35.85 -46.62 -16.41
N ALA A 94 36.56 -47.18 -15.44
CA ALA A 94 36.50 -48.62 -15.19
C ALA A 94 35.12 -49.08 -14.73
N MET A 95 34.36 -48.16 -14.14
CA MET A 95 33.03 -48.51 -13.68
C MET A 95 32.02 -48.47 -14.81
N MET A 96 32.38 -47.83 -15.91
CA MET A 96 31.50 -47.69 -17.06
C MET A 96 32.00 -48.41 -18.30
N THR A 97 32.51 -49.64 -18.15
CA THR A 97 33.10 -50.34 -19.27
C THR A 97 32.09 -50.68 -20.36
N LYS A 98 30.87 -51.05 -19.96
CA LYS A 98 29.86 -51.45 -20.93
C LYS A 98 29.30 -50.24 -21.65
N GLU A 99 29.11 -49.17 -20.91
CA GLU A 99 28.52 -47.94 -21.42
C GLU A 99 29.44 -47.14 -22.34
N GLN A 100 30.75 -47.15 -22.06
CA GLN A 100 31.71 -46.52 -22.96
C GLN A 100 31.71 -47.26 -24.28
N ALA A 101 31.48 -48.57 -24.22
CA ALA A 101 31.39 -49.41 -25.41
C ALA A 101 30.10 -49.15 -26.17
N MET A 102 29.03 -48.90 -25.42
CA MET A 102 27.73 -48.64 -26.04
C MET A 102 27.49 -47.13 -26.23
N LEU A 103 28.55 -46.35 -26.00
CA LEU A 103 28.53 -44.93 -26.34
C LEU A 103 28.90 -44.79 -27.80
N ALA A 104 29.72 -45.72 -28.28
CA ALA A 104 30.14 -45.78 -29.68
C ALA A 104 29.33 -46.82 -30.49
N ASP A 105 28.43 -47.51 -29.80
CA ASP A 105 27.38 -48.28 -30.45
C ASP A 105 26.51 -47.22 -31.03
N GLY A 106 26.20 -46.27 -30.16
CA GLY A 106 25.19 -45.26 -30.41
C GLY A 106 23.96 -45.69 -29.63
N SER A 107 24.11 -46.77 -28.87
CA SER A 107 23.04 -47.26 -28.03
C SER A 107 22.62 -46.17 -27.06
N ILE A 108 23.60 -45.44 -26.56
CA ILE A 108 23.34 -44.37 -25.61
C ILE A 108 23.91 -43.02 -26.05
N LYS A 109 23.23 -41.95 -25.65
CA LYS A 109 23.81 -40.61 -25.75
C LYS A 109 24.59 -40.31 -24.47
N GLN A 110 25.35 -39.22 -24.47
CA GLN A 110 26.12 -38.83 -23.29
C GLN A 110 25.18 -38.52 -22.13
N ASP A 111 24.01 -38.00 -22.46
CA ASP A 111 23.08 -37.48 -21.45
C ASP A 111 22.53 -38.56 -20.53
N GLN A 112 22.67 -39.82 -20.92
CA GLN A 112 22.24 -40.93 -20.07
C GLN A 112 23.45 -41.72 -19.60
N TYR A 113 24.58 -41.53 -20.29
CA TYR A 113 25.83 -42.11 -19.84
C TYR A 113 26.28 -41.38 -18.57
N ASP A 114 26.29 -40.06 -18.64
CA ASP A 114 26.66 -39.24 -17.50
C ASP A 114 25.79 -39.48 -16.25
N LYS A 115 24.59 -40.01 -16.41
CA LYS A 115 23.69 -40.19 -15.28
C LYS A 115 23.91 -41.51 -14.52
N GLN A 116 24.47 -42.51 -15.19
CA GLN A 116 24.81 -43.79 -14.56
C GLN A 116 26.20 -43.73 -13.96
N LEU A 117 27.03 -42.84 -14.51
CA LEU A 117 28.35 -42.57 -13.96
C LEU A 117 28.22 -41.90 -12.60
N LEU A 118 27.16 -41.11 -12.43
CA LEU A 118 26.87 -40.43 -11.17
C LEU A 118 26.25 -41.40 -10.17
N SER A 119 25.51 -42.36 -10.67
CA SER A 119 24.82 -43.33 -9.82
C SER A 119 25.76 -44.27 -9.07
N LYS A 120 26.96 -44.49 -9.59
CA LYS A 120 27.84 -45.48 -8.97
C LYS A 120 28.96 -44.87 -8.13
N ILE A 121 28.64 -43.90 -7.27
CA ILE A 121 29.67 -43.18 -6.53
C ILE A 121 29.34 -43.08 -5.02
N ARG A 122 30.32 -43.36 -4.14
CA ARG A 122 30.05 -43.51 -2.71
C ARG A 122 31.26 -43.28 -1.79
N LYS A 123 31.96 -44.38 -1.49
CA LYS A 123 33.17 -44.35 -0.65
C LYS A 123 34.32 -43.57 -1.28
N SER A 124 34.21 -43.33 -2.59
CA SER A 124 35.19 -42.55 -3.31
C SER A 124 34.91 -41.05 -3.16
N GLN A 125 33.76 -40.71 -2.58
CA GLN A 125 33.50 -39.31 -2.24
C GLN A 125 34.45 -38.81 -1.18
N LEU A 126 34.88 -39.73 -0.33
CA LEU A 126 35.77 -39.43 0.78
C LEU A 126 37.21 -39.33 0.32
N ASP A 127 37.50 -39.88 -0.86
CA ASP A 127 38.83 -39.82 -1.49
C ASP A 127 39.33 -38.39 -1.75
N GLU A 128 38.65 -37.41 -1.17
CA GLU A 128 38.94 -36.02 -1.43
C GLU A 128 38.39 -35.15 -0.33
N LEU A 129 37.86 -35.79 0.71
CA LEU A 129 37.74 -35.10 2.00
C LEU A 129 39.17 -34.74 2.48
N SER A 130 40.18 -35.18 1.73
CA SER A 130 41.43 -34.44 1.59
C SER A 130 40.98 -33.01 1.43
N SER A 131 40.99 -32.29 2.54
CA SER A 131 40.39 -30.98 2.63
C SER A 131 41.03 -30.06 1.60
N LYS A 132 42.24 -30.43 1.15
CA LYS A 132 42.94 -29.70 0.09
C LYS A 132 42.12 -29.70 -1.20
N ASP A 133 41.47 -30.84 -1.47
CA ASP A 133 40.60 -31.03 -2.63
C ASP A 133 39.33 -30.18 -2.59
N LEU A 134 38.56 -30.30 -1.50
CA LEU A 134 37.33 -29.53 -1.36
C LEU A 134 37.59 -28.03 -1.48
N GLN A 135 38.78 -27.59 -1.08
CA GLN A 135 39.16 -26.18 -1.20
C GLN A 135 39.14 -25.72 -2.66
N VAL A 136 39.83 -26.48 -3.52
CA VAL A 136 39.87 -26.20 -4.94
C VAL A 136 38.48 -26.23 -5.57
N LEU A 137 37.66 -27.20 -5.15
CA LEU A 137 36.28 -27.38 -5.63
C LEU A 137 35.42 -26.18 -5.21
N ALA A 138 35.71 -25.69 -4.01
CA ALA A 138 35.04 -24.52 -3.47
C ALA A 138 35.20 -23.35 -4.40
N ILE A 139 36.44 -23.05 -4.78
CA ILE A 139 36.71 -21.93 -5.68
C ILE A 139 36.14 -22.23 -7.05
N PHE A 140 36.51 -23.38 -7.58
CA PHE A 140 36.16 -23.82 -8.91
C PHE A 140 34.67 -23.75 -9.25
N ARG A 141 33.82 -24.04 -8.27
CA ARG A 141 32.40 -24.09 -8.55
C ARG A 141 31.89 -22.70 -8.84
N GLU A 142 32.41 -21.69 -8.16
CA GLU A 142 31.97 -20.32 -8.39
C GLU A 142 32.44 -19.78 -9.75
N MET A 143 33.67 -20.13 -10.12
CA MET A 143 34.20 -19.80 -11.45
C MET A 143 33.35 -20.37 -12.59
N ASN A 144 32.63 -21.46 -12.33
CA ASN A 144 31.69 -22.02 -13.30
C ASN A 144 30.25 -21.60 -13.03
N ALA A 145 30.07 -20.81 -11.97
CA ALA A 145 28.74 -20.47 -11.49
C ALA A 145 28.27 -19.14 -11.98
N GLY A 146 28.09 -18.98 -13.28
CA GLY A 146 27.72 -17.66 -13.76
C GLY A 146 27.89 -17.32 -15.21
N THR A 147 27.64 -16.05 -15.53
CA THR A 147 27.60 -15.58 -16.91
C THR A 147 29.02 -15.39 -17.45
N VAL A 148 29.17 -15.41 -18.77
CA VAL A 148 30.49 -15.40 -19.40
C VAL A 148 31.29 -14.11 -19.12
N LEU A 149 30.91 -13.01 -19.76
CA LEU A 149 31.63 -11.74 -19.58
C LEU A 149 31.55 -11.19 -18.15
N ASP A 150 30.60 -11.69 -17.37
CA ASP A 150 30.41 -11.18 -16.02
C ASP A 150 31.49 -11.68 -15.06
N PRO A 151 32.05 -10.78 -14.23
CA PRO A 151 32.96 -11.23 -13.16
C PRO A 151 32.20 -11.93 -12.03
N GLN A 152 32.83 -12.90 -11.39
CA GLN A 152 32.15 -13.76 -10.42
C GLN A 152 32.85 -13.79 -9.05
N MET A 153 32.13 -13.38 -8.01
CA MET A 153 32.70 -13.33 -6.65
C MET A 153 33.09 -14.70 -6.12
N ILE A 154 34.33 -14.80 -5.65
CA ILE A 154 34.84 -16.05 -5.13
C ILE A 154 35.02 -15.94 -3.63
N LYS A 155 35.50 -14.78 -3.18
CA LYS A 155 35.61 -14.48 -1.76
C LYS A 155 35.53 -12.99 -1.52
N ASN A 156 34.68 -12.60 -0.58
CA ASN A 156 34.64 -11.23 -0.10
C ASN A 156 34.83 -11.24 1.41
N GLU A 157 36.10 -11.20 1.84
CA GLU A 157 36.36 -11.27 3.27
C GLU A 157 37.21 -10.12 3.82
N ASP A 158 37.21 -10.01 5.15
CA ASP A 158 37.89 -8.94 5.85
C ASP A 158 39.36 -8.94 5.46
N VAL A 159 39.87 -7.77 5.12
CA VAL A 159 41.26 -7.65 4.75
C VAL A 159 41.90 -6.48 5.46
N SER A 160 43.17 -6.62 5.78
CA SER A 160 43.95 -5.50 6.28
C SER A 160 44.49 -4.63 5.13
N GLU A 161 45.07 -3.50 5.51
CA GLU A 161 45.65 -2.57 4.56
C GLU A 161 46.94 -3.14 3.95
N LYS A 162 47.67 -3.92 4.76
CA LYS A 162 48.92 -4.54 4.33
C LYS A 162 48.69 -5.88 3.66
N GLU A 163 47.65 -6.59 4.11
CA GLU A 163 47.24 -7.83 3.49
C GLU A 163 46.98 -7.62 1.99
N TYR A 164 46.12 -6.65 1.67
CA TYR A 164 45.77 -6.33 0.29
C TYR A 164 47.03 -5.96 -0.47
N ALA A 165 47.95 -5.28 0.23
CA ALA A 165 49.21 -4.83 -0.35
C ALA A 165 50.09 -5.99 -0.83
N ALA A 166 50.06 -7.11 -0.11
CA ALA A 166 50.93 -8.25 -0.42
C ALA A 166 50.40 -9.14 -1.54
N VAL A 167 49.08 -9.23 -1.65
CA VAL A 167 48.45 -10.33 -2.40
C VAL A 167 47.67 -9.92 -3.66
N SER A 168 47.29 -8.65 -3.75
CA SER A 168 46.39 -8.21 -4.80
C SER A 168 47.02 -8.37 -6.18
N GLN A 169 48.28 -7.98 -6.31
CA GLN A 169 48.98 -8.11 -7.57
C GLN A 169 49.15 -9.58 -7.95
N GLN A 170 49.52 -10.39 -6.95
CA GLN A 170 49.79 -11.81 -7.18
C GLN A 170 48.52 -12.64 -7.28
N LEU A 171 47.39 -12.03 -6.96
CA LEU A 171 46.11 -12.65 -7.27
C LEU A 171 45.80 -12.26 -8.70
N SER A 172 45.92 -10.96 -8.99
CA SER A 172 45.64 -10.37 -10.30
C SER A 172 46.46 -10.94 -11.43
N LYS A 173 47.59 -11.55 -11.11
CA LYS A 173 48.43 -12.15 -12.15
C LYS A 173 47.70 -13.31 -12.84
N LEU A 174 47.04 -14.15 -12.03
CA LEU A 174 46.23 -15.26 -12.53
C LEU A 174 45.13 -14.77 -13.48
N PRO A 175 44.88 -15.53 -14.55
CA PRO A 175 43.94 -15.10 -15.59
C PRO A 175 42.50 -15.15 -15.12
N GLY A 176 41.84 -14.00 -15.14
CA GLY A 176 40.43 -13.95 -14.83
C GLY A 176 40.16 -13.33 -13.49
N VAL A 177 41.21 -13.27 -12.66
CA VAL A 177 41.12 -12.80 -11.28
C VAL A 177 41.37 -11.30 -11.17
N ASN A 178 40.41 -10.58 -10.59
CA ASN A 178 40.66 -9.20 -10.17
C ASN A 178 40.39 -9.03 -8.68
N THR A 179 40.92 -7.95 -8.12
CA THR A 179 40.75 -7.67 -6.70
C THR A 179 40.28 -6.23 -6.56
N SER A 180 39.56 -5.96 -5.48
CA SER A 180 39.15 -4.60 -5.13
C SER A 180 38.95 -4.53 -3.63
N MET A 181 39.09 -3.33 -3.08
CA MET A 181 38.80 -3.09 -1.68
C MET A 181 37.37 -2.63 -1.61
N ASP A 182 36.63 -3.04 -0.61
CA ASP A 182 35.24 -2.57 -0.58
C ASP A 182 34.73 -2.32 0.83
N TRP A 183 33.76 -1.42 0.93
CA TRP A 183 33.04 -1.22 2.17
C TRP A 183 31.84 -2.17 2.22
N ASP A 184 31.67 -2.83 3.34
CA ASP A 184 30.63 -3.83 3.44
C ASP A 184 30.00 -3.75 4.81
N ARG A 185 28.68 -3.75 4.84
CA ARG A 185 28.02 -3.78 6.11
C ARG A 185 28.25 -5.13 6.76
N LYS A 186 28.45 -5.11 8.07
CA LYS A 186 28.64 -6.31 8.87
C LYS A 186 27.51 -6.38 9.90
N TYR A 187 27.06 -7.58 10.21
CA TYR A 187 25.85 -7.73 11.02
C TYR A 187 26.02 -8.69 12.19
N PRO A 188 26.49 -8.17 13.35
CA PRO A 188 26.74 -9.03 14.52
C PRO A 188 25.55 -9.91 14.92
N TYR A 189 24.34 -9.38 14.88
CA TYR A 189 23.21 -10.23 15.25
C TYR A 189 22.68 -11.06 14.08
N GLY A 190 23.59 -11.37 13.15
CA GLY A 190 23.33 -12.22 12.01
C GLY A 190 22.04 -11.92 11.28
N ASP A 191 21.11 -12.87 11.27
CA ASP A 191 19.84 -12.69 10.55
C ASP A 191 18.83 -11.73 11.22
N THR A 192 19.07 -11.30 12.46
CA THR A 192 18.07 -10.53 13.19
C THR A 192 17.86 -9.13 12.61
N LEU A 193 16.60 -8.80 12.35
CA LEU A 193 16.16 -7.50 11.82
C LEU A 193 16.68 -7.12 10.43
N ARG A 194 17.46 -8.01 9.80
CA ARG A 194 18.13 -7.73 8.51
C ARG A 194 17.25 -7.13 7.43
N GLY A 195 16.01 -7.60 7.35
CA GLY A 195 15.03 -7.03 6.44
C GLY A 195 14.80 -5.55 6.72
N ILE A 196 14.67 -5.21 8.01
CA ILE A 196 14.43 -3.84 8.46
C ILE A 196 15.62 -2.93 8.25
N PHE A 197 16.82 -3.47 8.39
CA PHE A 197 18.03 -2.69 8.17
C PHE A 197 18.16 -2.25 6.70
N GLY A 198 17.68 -3.09 5.77
CA GLY A 198 17.80 -2.81 4.35
C GLY A 198 19.24 -2.97 3.94
N ASP A 199 19.53 -2.84 2.65
CA ASP A 199 20.90 -2.93 2.14
C ASP A 199 21.33 -1.64 1.51
N VAL A 200 22.65 -1.52 1.33
CA VAL A 200 23.24 -0.48 0.52
C VAL A 200 23.63 -1.08 -0.86
N SER A 201 23.48 -0.31 -1.93
CA SER A 201 23.83 -0.79 -3.27
C SER A 201 25.26 -1.33 -3.39
N THR A 202 25.39 -2.45 -4.09
CA THR A 202 26.68 -3.05 -4.36
C THR A 202 27.54 -2.08 -5.16
N PRO A 203 28.88 -2.27 -5.09
CA PRO A 203 29.79 -1.55 -5.97
C PRO A 203 29.47 -1.75 -7.46
N ALA A 204 29.07 -2.96 -7.82
CA ALA A 204 28.62 -3.21 -9.18
C ALA A 204 27.46 -2.30 -9.51
N GLU A 205 26.41 -2.35 -8.69
CA GLU A 205 25.30 -1.43 -8.84
C GLU A 205 25.84 -0.03 -8.75
N GLY A 206 25.23 0.88 -9.47
CA GLY A 206 25.61 2.26 -9.26
C GLY A 206 24.86 2.74 -8.04
N ILE A 207 24.18 3.87 -8.20
CA ILE A 207 22.86 4.10 -7.66
C ILE A 207 22.02 3.07 -8.41
N PRO A 208 21.22 2.26 -7.69
CA PRO A 208 20.32 1.30 -8.36
C PRO A 208 19.51 1.95 -9.50
N LYS A 209 19.28 1.20 -10.58
CA LYS A 209 18.67 1.75 -11.79
C LYS A 209 17.34 2.45 -11.56
N GLU A 210 16.35 1.74 -11.00
CA GLU A 210 15.06 2.39 -10.71
C GLU A 210 15.12 3.56 -9.72
N LEU A 211 16.26 3.79 -9.07
CA LEU A 211 16.39 4.86 -8.07
C LEU A 211 17.19 6.05 -8.59
N THR A 212 17.46 6.04 -9.90
CA THR A 212 18.27 7.10 -10.50
C THR A 212 17.78 8.48 -10.15
N GLU A 213 16.64 8.85 -10.74
CA GLU A 213 16.09 10.18 -10.54
C GLU A 213 16.18 10.50 -9.08
N HIS A 214 15.71 9.57 -8.25
CA HIS A 214 15.78 9.75 -6.80
C HIS A 214 17.14 10.25 -6.28
N TYR A 215 18.21 9.50 -6.55
CA TYR A 215 19.51 9.94 -6.07
C TYR A 215 20.23 11.03 -6.91
N LEU A 216 19.97 11.07 -8.21
CA LEU A 216 20.61 12.06 -9.07
C LEU A 216 20.11 13.47 -8.74
N SER A 217 18.83 13.58 -8.39
CA SER A 217 18.25 14.88 -8.07
C SER A 217 18.76 15.42 -6.72
N LYS A 218 19.20 14.52 -5.85
CA LYS A 218 19.83 14.94 -4.58
C LYS A 218 21.36 15.11 -4.68
N GLY A 219 21.91 15.08 -5.90
CA GLY A 219 23.31 15.39 -6.07
C GLY A 219 24.29 14.24 -6.26
N TYR A 220 23.81 13.00 -6.28
CA TYR A 220 24.75 11.90 -6.36
C TYR A 220 25.30 11.69 -7.75
N SER A 221 26.36 10.92 -7.81
CA SER A 221 26.92 10.40 -9.03
C SER A 221 26.32 9.00 -9.21
N ARG A 222 26.17 8.58 -10.46
CA ARG A 222 25.63 7.28 -10.75
C ARG A 222 26.51 6.18 -10.17
N ASN A 223 27.77 6.49 -9.88
CA ASN A 223 28.65 5.48 -9.31
C ASN A 223 28.52 5.26 -7.81
N ASP A 224 27.86 6.22 -7.14
CA ASP A 224 27.77 6.21 -5.67
C ASP A 224 27.00 5.02 -5.15
N ARG A 225 27.50 4.41 -4.07
CA ARG A 225 26.75 3.34 -3.42
C ARG A 225 25.81 4.03 -2.44
N VAL A 226 24.56 3.62 -2.41
CA VAL A 226 23.55 4.30 -1.58
C VAL A 226 22.65 3.27 -0.91
N GLY A 227 21.88 3.69 0.08
CA GLY A 227 20.88 2.82 0.69
C GLY A 227 19.72 2.59 -0.28
N LYS A 228 19.27 1.36 -0.43
CA LYS A 228 18.24 1.12 -1.44
C LYS A 228 16.97 0.48 -0.89
N SER A 229 17.07 -0.12 0.29
CA SER A 229 15.86 -0.56 0.98
C SER A 229 15.83 -0.08 2.40
N TYR A 230 14.61 -0.03 2.92
CA TYR A 230 14.31 0.26 4.31
C TYR A 230 15.25 1.20 5.04
N LEU A 231 15.73 0.78 6.21
CA LEU A 231 16.51 1.68 7.07
C LEU A 231 17.74 2.33 6.40
N GLU A 232 18.48 1.62 5.56
CA GLU A 232 19.63 2.26 4.91
C GLU A 232 19.14 3.33 3.95
N TYR A 233 18.02 3.05 3.30
CA TYR A 233 17.39 3.99 2.41
C TYR A 233 16.78 5.16 3.17
N GLN A 234 16.01 4.82 4.20
CA GLN A 234 15.27 5.83 4.96
C GLN A 234 16.17 6.89 5.56
N TYR A 235 17.34 6.47 6.06
CA TYR A 235 18.23 7.37 6.79
C TYR A 235 19.55 7.53 6.07
N GLU A 236 19.53 7.28 4.76
CA GLU A 236 20.64 7.59 3.85
C GLU A 236 21.26 8.96 4.11
N ASP A 237 20.39 9.96 4.25
CA ASP A 237 20.83 11.33 4.54
C ASP A 237 21.77 11.37 5.77
N VAL A 238 21.48 10.62 6.83
CA VAL A 238 22.40 10.62 7.97
C VAL A 238 23.44 9.50 7.96
N LEU A 239 23.13 8.35 7.38
CA LEU A 239 24.09 7.25 7.50
C LEU A 239 25.27 7.42 6.53
N ARG A 240 25.06 8.19 5.48
CA ARG A 240 26.05 8.25 4.41
C ARG A 240 27.37 8.94 4.76
N GLY A 241 28.45 8.34 4.27
CA GLY A 241 29.74 8.95 4.40
C GLY A 241 29.95 9.93 3.25
N LYS A 242 30.09 11.21 3.57
CA LYS A 242 30.40 12.24 2.58
C LYS A 242 31.81 11.93 2.06
N LYS A 243 31.91 11.63 0.77
CA LYS A 243 33.16 11.09 0.22
C LYS A 243 34.29 12.11 0.07
N LYS A 244 35.52 11.59 0.12
CA LYS A 244 36.71 12.41 -0.08
C LYS A 244 36.92 12.71 -1.58
N GLU A 245 37.08 13.99 -1.91
CA GLU A 245 37.35 14.40 -3.29
C GLU A 245 38.64 15.24 -3.42
N MET A 246 39.52 14.81 -4.33
CA MET A 246 40.80 15.45 -4.59
C MET A 246 40.96 15.74 -6.07
N LYS A 247 41.34 16.98 -6.40
CA LYS A 247 41.61 17.37 -7.77
C LYS A 247 43.14 17.54 -7.96
N TYR A 248 43.74 16.70 -8.80
CA TYR A 248 45.18 16.83 -9.08
C TYR A 248 45.44 17.48 -10.43
N THR A 249 46.36 18.44 -10.47
CA THR A 249 46.80 19.03 -11.74
C THR A 249 48.11 18.32 -12.11
N THR A 250 48.33 18.04 -13.40
CA THR A 250 49.53 17.29 -13.83
C THR A 250 50.35 17.92 -14.95
N ASP A 251 51.64 17.59 -14.91
CA ASP A 251 52.49 17.68 -16.08
C ASP A 251 51.91 16.84 -17.20
N LYS A 252 52.05 17.35 -18.41
CA LYS A 252 52.28 16.54 -19.60
C LYS A 252 52.80 15.12 -19.24
N SER A 253 53.91 15.07 -18.50
CA SER A 253 54.58 13.83 -18.12
C SER A 253 53.79 12.90 -17.21
N GLY A 254 52.86 13.46 -16.44
CA GLY A 254 52.08 12.71 -15.47
C GLY A 254 52.29 13.22 -14.05
N LYS A 255 53.33 14.04 -13.89
CA LYS A 255 53.76 14.56 -12.60
C LYS A 255 52.72 15.49 -12.01
N VAL A 256 52.32 15.23 -10.77
CA VAL A 256 51.35 16.10 -10.10
C VAL A 256 52.01 17.39 -9.63
N THR A 257 51.70 18.50 -10.29
CA THR A 257 52.27 19.79 -9.90
C THR A 257 51.54 20.41 -8.70
N SER A 258 50.21 20.26 -8.66
CA SER A 258 49.41 20.86 -7.59
C SER A 258 48.19 20.00 -7.27
N SER A 259 47.68 20.13 -6.04
CA SER A 259 46.56 19.32 -5.60
C SER A 259 45.66 20.13 -4.69
N GLU A 260 44.35 20.04 -4.91
CA GLU A 260 43.39 20.70 -4.04
C GLU A 260 42.29 19.76 -3.57
N VAL A 261 41.77 20.06 -2.39
CA VAL A 261 40.79 19.20 -1.74
C VAL A 261 39.39 19.77 -1.84
N LEU A 262 38.58 19.20 -2.73
CA LEU A 262 37.17 19.59 -2.86
C LEU A 262 36.39 19.18 -1.62
N ASN A 263 36.69 17.99 -1.11
CA ASN A 263 36.04 17.48 0.09
C ASN A 263 36.97 16.50 0.81
N PRO A 264 37.23 16.74 2.10
CA PRO A 264 38.17 15.88 2.82
C PRO A 264 37.47 14.59 3.21
N GLY A 265 36.15 14.64 3.23
CA GLY A 265 35.36 13.48 3.60
C GLY A 265 34.89 13.48 5.06
N ALA A 266 33.76 12.80 5.27
CA ALA A 266 33.07 12.73 6.54
C ALA A 266 32.49 11.32 6.73
N ARG A 267 33.01 10.61 7.72
CA ARG A 267 32.40 9.34 8.15
C ARG A 267 30.91 9.54 8.55
N GLY A 268 30.02 8.71 8.03
CA GLY A 268 28.58 8.85 8.27
C GLY A 268 28.18 9.01 9.73
N GLN A 269 26.96 9.50 9.97
CA GLN A 269 26.49 9.65 11.34
C GLN A 269 25.88 8.35 11.82
N ASP A 270 26.10 8.04 13.11
CA ASP A 270 25.52 6.86 13.72
C ASP A 270 24.02 7.05 14.08
N LEU A 271 23.21 6.05 13.76
CA LEU A 271 21.78 6.07 14.11
C LEU A 271 21.46 5.04 15.20
N LYS A 272 20.85 5.50 16.32
CA LYS A 272 20.32 4.61 17.37
C LYS A 272 18.83 4.28 17.13
N LEU A 273 18.45 3.02 17.37
CA LEU A 273 17.07 2.59 17.16
C LEU A 273 16.34 2.45 18.48
N THR A 274 15.02 2.55 18.44
CA THR A 274 14.18 2.31 19.59
C THR A 274 14.18 0.84 20.03
N ILE A 275 14.57 -0.05 19.11
CA ILE A 275 14.64 -1.50 19.32
C ILE A 275 15.59 -1.93 20.46
N ASP A 276 15.09 -2.77 21.37
CA ASP A 276 15.93 -3.47 22.34
C ASP A 276 16.28 -4.81 21.70
N ILE A 277 17.51 -4.92 21.19
CA ILE A 277 17.93 -6.10 20.42
C ILE A 277 17.54 -7.42 21.12
N ASP A 278 17.85 -7.53 22.40
CA ASP A 278 17.46 -8.70 23.19
C ASP A 278 15.95 -9.02 23.15
N LEU A 279 15.12 -8.02 23.43
CA LEU A 279 13.67 -8.19 23.35
C LEU A 279 13.26 -8.67 21.96
N GLN A 280 13.82 -8.04 20.93
CA GLN A 280 13.63 -8.45 19.55
C GLN A 280 13.84 -9.95 19.39
N LYS A 281 15.06 -10.42 19.71
CA LYS A 281 15.45 -11.84 19.60
C LYS A 281 14.52 -12.78 20.35
N GLU A 282 14.10 -12.34 21.53
CA GLU A 282 13.17 -13.08 22.37
C GLU A 282 11.80 -13.21 21.69
N VAL A 283 11.31 -12.11 21.12
CA VAL A 283 10.03 -12.12 20.42
C VAL A 283 10.05 -13.04 19.21
N GLU A 284 11.12 -12.95 18.42
CA GLU A 284 11.28 -13.87 17.30
C GLU A 284 11.30 -15.32 17.80
N ALA A 285 12.00 -15.55 18.89
CA ALA A 285 12.01 -16.87 19.52
C ALA A 285 10.61 -17.32 20.02
N LEU A 286 9.86 -16.39 20.60
CA LEU A 286 8.56 -16.76 21.13
C LEU A 286 7.60 -17.02 19.99
N LEU A 287 7.72 -16.21 18.95
CA LEU A 287 6.87 -16.34 17.77
C LEU A 287 7.13 -17.65 17.03
N ASP A 288 8.37 -18.12 17.05
CA ASP A 288 8.66 -19.39 16.42
C ASP A 288 8.20 -20.53 17.32
N LYS A 289 8.23 -20.32 18.63
CA LYS A 289 7.70 -21.33 19.53
C LYS A 289 6.22 -21.45 19.25
N GLN A 290 5.52 -20.35 19.46
CA GLN A 290 4.07 -20.28 19.38
C GLN A 290 3.51 -20.71 18.02
N ILE A 291 4.22 -20.43 16.93
CA ILE A 291 3.67 -20.70 15.60
C ILE A 291 3.20 -22.16 15.47
N LYS A 292 4.07 -23.11 15.79
CA LYS A 292 3.57 -24.45 16.07
C LYS A 292 3.80 -24.78 17.55
N LYS A 293 3.16 -24.02 18.43
CA LYS A 293 2.94 -24.42 19.82
C LYS A 293 1.51 -24.89 19.70
N LEU A 294 1.33 -25.63 18.61
CA LEU A 294 0.12 -26.30 18.24
C LEU A 294 0.46 -27.62 17.57
N ARG A 295 1.75 -27.81 17.25
CA ARG A 295 2.24 -28.99 16.53
C ARG A 295 1.42 -29.14 15.25
N SER A 296 1.09 -28.00 14.64
CA SER A 296 -0.01 -27.91 13.69
C SER A 296 -1.23 -28.64 14.26
N GLN A 297 -1.90 -27.99 15.21
CA GLN A 297 -3.16 -28.49 15.75
C GLN A 297 -4.07 -28.68 14.55
N GLY A 298 -4.17 -27.62 13.77
CA GLY A 298 -4.77 -27.67 12.44
C GLY A 298 -4.07 -26.72 11.48
N ALA A 299 -3.36 -25.76 12.07
CA ALA A 299 -2.83 -24.61 11.34
C ALA A 299 -1.60 -24.92 10.52
N LYS A 300 -1.74 -25.73 9.49
CA LYS A 300 -0.61 -26.01 8.60
C LYS A 300 -0.78 -25.31 7.26
N ASP A 301 -1.76 -24.39 7.22
CA ASP A 301 -1.86 -23.40 6.16
C ASP A 301 -2.04 -21.99 6.72
N MET A 302 -1.63 -21.80 7.98
CA MET A 302 -1.30 -20.47 8.48
C MET A 302 -0.10 -20.07 7.64
N ASP A 303 -0.18 -18.94 6.97
CA ASP A 303 0.86 -18.58 6.01
C ASP A 303 1.64 -17.32 6.43
N ASN A 304 1.09 -16.59 7.40
CA ASN A 304 1.76 -15.43 7.97
C ASN A 304 1.48 -15.36 9.46
N ALA A 305 2.48 -14.91 10.21
CA ALA A 305 2.26 -14.54 11.61
C ALA A 305 3.04 -13.26 11.91
N MET A 306 2.36 -12.29 12.53
CA MET A 306 2.90 -10.94 12.67
C MET A 306 2.89 -10.44 14.12
N MET A 307 4.00 -9.88 14.59
CA MET A 307 3.91 -9.23 15.89
C MET A 307 4.55 -7.85 15.94
N VAL A 308 3.82 -6.90 16.52
CA VAL A 308 4.38 -5.58 16.72
C VAL A 308 4.32 -5.24 18.19
N VAL A 309 5.46 -4.82 18.74
CA VAL A 309 5.48 -4.33 20.11
C VAL A 309 6.14 -2.96 20.20
N GLN A 310 5.56 -2.14 21.07
CA GLN A 310 5.69 -0.69 21.03
C GLN A 310 5.52 -0.08 22.42
N ASN A 311 6.15 1.08 22.64
CA ASN A 311 5.85 1.90 23.80
C ASN A 311 4.70 2.84 23.46
N PRO A 312 3.53 2.63 24.07
CA PRO A 312 2.32 3.34 23.66
C PRO A 312 2.34 4.81 24.04
N LYS A 313 3.41 5.27 24.65
CA LYS A 313 3.44 6.66 25.05
C LYS A 313 4.44 7.52 24.28
N ASN A 314 5.41 6.91 23.63
CA ASN A 314 6.35 7.70 22.81
C ASN A 314 6.54 7.15 21.39
N GLY A 315 5.85 6.05 21.11
CA GLY A 315 5.87 5.46 19.78
C GLY A 315 7.18 4.77 19.45
N ASP A 316 7.95 4.40 20.46
CA ASP A 316 9.20 3.68 20.22
C ASP A 316 8.82 2.30 19.70
N ILE A 317 9.59 1.75 18.79
CA ILE A 317 9.24 0.44 18.26
C ILE A 317 10.22 -0.64 18.70
N LEU A 318 9.67 -1.77 19.14
CA LEU A 318 10.44 -2.94 19.60
C LEU A 318 9.88 -4.26 18.97
N ALA A 319 9.95 -4.43 17.65
CA ALA A 319 8.95 -5.28 16.95
C ALA A 319 9.29 -5.93 15.59
N LEU A 320 8.95 -7.23 15.46
CA LEU A 320 9.17 -8.01 14.22
C LEU A 320 8.22 -9.22 14.02
N ALA A 321 8.39 -9.91 12.90
CA ALA A 321 7.52 -11.02 12.51
C ALA A 321 8.10 -11.87 11.37
N GLY A 322 7.32 -12.84 10.88
CA GLY A 322 7.80 -13.78 9.88
C GLY A 322 6.66 -14.66 9.35
N LYS A 323 6.78 -15.11 8.10
CA LYS A 323 5.71 -15.89 7.49
C LYS A 323 5.97 -17.41 7.54
N GLN A 324 4.95 -18.19 7.18
CA GLN A 324 5.04 -19.65 7.26
C GLN A 324 4.44 -20.33 6.03
N ILE A 325 5.29 -20.69 5.08
CA ILE A 325 4.81 -21.45 3.94
C ILE A 325 4.78 -22.94 4.28
N ASN A 326 3.72 -23.36 4.99
CA ASN A 326 3.61 -24.76 5.34
C ASN A 326 3.10 -25.63 4.20
N LYS A 327 3.88 -25.63 3.13
CA LYS A 327 4.10 -26.83 2.33
C LYS A 327 5.35 -27.45 2.97
N SER A 328 5.35 -27.45 4.31
CA SER A 328 6.55 -27.60 5.13
C SER A 328 6.26 -27.19 6.58
N GLY A 329 6.18 -25.87 6.81
CA GLY A 329 6.36 -25.28 8.13
C GLY A 329 7.72 -24.63 8.13
N LYS A 330 8.29 -24.49 6.94
CA LYS A 330 9.59 -23.87 6.75
C LYS A 330 9.35 -22.38 6.57
N MET A 331 9.70 -21.62 7.60
CA MET A 331 9.41 -20.20 7.71
C MET A 331 10.49 -19.33 7.05
N THR A 332 10.10 -18.11 6.68
CA THR A 332 11.07 -17.07 6.32
C THR A 332 10.88 -15.85 7.21
N ASP A 333 11.66 -14.80 6.94
CA ASP A 333 11.53 -13.55 7.68
C ASP A 333 10.55 -12.62 6.95
N TYR A 334 9.38 -12.39 7.53
CA TYR A 334 8.47 -11.40 6.97
C TYR A 334 8.51 -10.14 7.83
N ASP A 335 9.72 -9.85 8.31
CA ASP A 335 9.99 -8.65 9.09
C ASP A 335 9.05 -7.48 8.81
N ILE A 336 9.04 -7.05 7.55
CA ILE A 336 8.45 -5.77 7.17
C ILE A 336 6.94 -5.84 6.96
N GLY A 337 6.38 -7.05 7.00
CA GLY A 337 4.96 -7.20 6.69
C GLY A 337 4.12 -6.51 7.75
N THR A 338 4.76 -6.27 8.90
CA THR A 338 4.13 -5.60 10.04
C THR A 338 3.53 -4.23 9.68
N PHE A 339 4.06 -3.59 8.63
CA PHE A 339 3.57 -2.28 8.17
C PHE A 339 3.49 -2.19 6.66
N THR A 340 3.74 -3.31 5.97
CA THR A 340 3.64 -3.30 4.51
C THR A 340 2.57 -4.21 3.96
N SER A 341 1.98 -5.02 4.83
CA SER A 341 0.95 -5.92 4.33
C SER A 341 -0.44 -5.69 4.99
N GLN A 342 -1.50 -5.99 4.24
CA GLN A 342 -2.86 -5.64 4.62
C GLN A 342 -3.68 -6.90 4.92
N PHE A 343 -4.26 -6.95 6.11
CA PHE A 343 -5.06 -8.08 6.55
C PHE A 343 -6.45 -7.66 7.07
N ALA A 344 -7.48 -8.45 6.75
CA ALA A 344 -8.75 -8.33 7.45
C ALA A 344 -8.52 -8.79 8.90
N VAL A 345 -8.90 -7.95 9.87
CA VAL A 345 -8.56 -8.23 11.26
C VAL A 345 -9.78 -8.47 12.15
N GLY A 346 -10.96 -8.22 11.61
CA GLY A 346 -12.17 -8.54 12.33
C GLY A 346 -12.36 -7.77 13.63
N SER A 347 -12.76 -8.51 14.66
CA SER A 347 -13.41 -7.95 15.84
C SER A 347 -12.55 -7.05 16.70
N SER A 348 -11.25 -7.02 16.45
CA SER A 348 -10.37 -6.21 17.27
C SER A 348 -10.47 -4.71 16.98
N VAL A 349 -11.27 -4.33 15.97
CA VAL A 349 -11.45 -2.91 15.66
C VAL A 349 -12.60 -2.32 16.43
N LYS A 350 -13.26 -3.15 17.23
CA LYS A 350 -14.53 -2.78 17.86
C LYS A 350 -14.48 -1.56 18.78
N GLY A 351 -13.30 -1.24 19.30
CA GLY A 351 -13.15 -0.10 20.19
C GLY A 351 -13.26 1.19 19.39
N GLY A 352 -12.60 1.21 18.24
CA GLY A 352 -12.72 2.31 17.33
C GLY A 352 -14.15 2.58 16.90
N THR A 353 -14.91 1.52 16.63
CA THR A 353 -16.30 1.75 16.20
C THR A 353 -17.10 2.46 17.28
N LEU A 354 -17.00 2.01 18.52
CA LEU A 354 -17.74 2.64 19.62
C LEU A 354 -17.41 4.12 19.73
N LEU A 355 -16.12 4.44 19.69
CA LEU A 355 -15.61 5.80 19.62
C LEU A 355 -16.28 6.61 18.49
N ALA A 356 -16.22 6.07 17.28
CA ALA A 356 -17.00 6.61 16.16
C ALA A 356 -18.46 6.82 16.56
N GLY A 357 -19.05 5.84 17.27
CA GLY A 357 -20.45 5.86 17.59
C GLY A 357 -20.80 6.81 18.72
N TYR A 358 -19.80 7.13 19.53
CA TYR A 358 -19.92 8.12 20.59
C TYR A 358 -19.91 9.54 20.02
N GLN A 359 -18.90 9.88 19.23
CA GLN A 359 -18.69 11.28 18.82
C GLN A 359 -19.76 11.75 17.84
N ASN A 360 -20.21 10.87 16.97
CA ASN A 360 -21.47 11.09 16.30
C ASN A 360 -22.47 10.67 17.34
N LYS A 361 -23.52 11.43 17.55
CA LYS A 361 -24.32 11.12 18.73
C LYS A 361 -25.21 9.86 18.55
N ALA A 362 -24.59 8.76 18.14
CA ALA A 362 -25.33 7.57 17.69
C ALA A 362 -25.63 6.61 18.83
N ILE A 363 -24.69 6.52 19.77
CA ILE A 363 -24.93 5.82 21.03
C ILE A 363 -24.37 6.67 22.14
N LYS A 364 -24.76 6.34 23.37
CA LYS A 364 -24.31 7.13 24.51
C LYS A 364 -23.43 6.28 25.42
N VAL A 365 -22.73 6.94 26.33
CA VAL A 365 -21.74 6.25 27.14
C VAL A 365 -22.41 5.45 28.25
N GLY A 366 -22.37 4.13 28.10
CA GLY A 366 -23.04 3.22 29.01
C GLY A 366 -24.24 2.55 28.36
N GLU A 367 -24.52 2.95 27.12
CA GLU A 367 -25.69 2.48 26.36
C GLU A 367 -25.86 0.98 26.47
N THR A 368 -27.08 0.55 26.73
CA THR A 368 -27.33 -0.77 27.28
C THR A 368 -28.17 -1.70 26.40
N MET A 369 -28.46 -1.31 25.15
CA MET A 369 -29.50 -1.98 24.35
C MET A 369 -29.30 -3.48 24.14
N VAL A 370 -30.36 -4.13 23.66
CA VAL A 370 -30.44 -5.58 23.64
C VAL A 370 -30.12 -6.13 22.24
N ASP A 371 -29.72 -7.40 22.21
CA ASP A 371 -29.16 -8.04 21.04
C ASP A 371 -29.57 -9.50 20.95
N GLU A 372 -29.56 -9.99 19.73
CA GLU A 372 -30.34 -11.14 19.31
C GLU A 372 -30.13 -11.19 17.81
N PRO A 373 -30.52 -12.30 17.15
CA PRO A 373 -30.37 -12.36 15.68
C PRO A 373 -31.01 -11.15 14.99
N LEU A 374 -30.50 -10.75 13.82
CA LEU A 374 -31.08 -9.62 13.08
C LEU A 374 -31.74 -10.06 11.76
N HIS A 375 -32.85 -9.43 11.40
CA HIS A 375 -33.57 -9.87 10.19
C HIS A 375 -33.88 -8.76 9.18
N PHE A 376 -33.47 -9.00 7.94
CA PHE A 376 -33.77 -8.12 6.82
C PHE A 376 -34.40 -8.93 5.67
N GLN A 377 -34.62 -8.28 4.54
CA GLN A 377 -35.18 -8.94 3.34
C GLN A 377 -34.25 -10.01 2.76
N GLY A 378 -34.02 -11.08 3.53
CA GLY A 378 -33.04 -12.08 3.16
C GLY A 378 -31.93 -12.10 4.18
N GLY A 379 -31.00 -11.13 4.06
CA GLY A 379 -29.90 -10.92 4.97
C GLY A 379 -30.21 -11.21 6.43
N LEU A 380 -29.33 -11.94 7.09
CA LEU A 380 -29.64 -12.55 8.38
C LEU A 380 -28.47 -12.58 9.36
N THR A 381 -28.03 -11.42 9.86
CA THR A 381 -26.86 -11.41 10.77
C THR A 381 -27.19 -11.93 12.17
N LYS A 382 -26.72 -13.13 12.44
CA LYS A 382 -26.68 -13.63 13.80
C LYS A 382 -25.27 -13.32 14.29
N ARG A 383 -25.11 -12.94 15.55
CA ARG A 383 -23.75 -12.85 16.08
C ARG A 383 -23.39 -14.27 16.43
N SER A 384 -22.10 -14.58 16.59
CA SER A 384 -21.75 -15.97 16.74
C SER A 384 -21.32 -16.38 18.14
N TYR A 385 -22.28 -16.33 19.06
CA TYR A 385 -22.23 -17.03 20.34
C TYR A 385 -23.65 -17.14 20.92
N PHE A 386 -24.60 -16.64 20.13
CA PHE A 386 -25.97 -17.15 20.03
C PHE A 386 -26.65 -16.67 18.76
N ASN A 387 -27.03 -17.63 17.91
CA ASN A 387 -27.46 -17.33 16.55
C ASN A 387 -28.95 -17.48 16.37
N LYS A 388 -29.55 -18.23 17.27
CA LYS A 388 -30.93 -18.69 17.15
C LYS A 388 -31.86 -18.00 18.12
N ASN A 389 -31.52 -18.08 19.40
CA ASN A 389 -32.28 -17.45 20.48
C ASN A 389 -31.34 -16.99 21.59
N GLY A 390 -31.89 -16.60 22.75
CA GLY A 390 -31.10 -16.10 23.87
C GLY A 390 -30.84 -14.60 23.78
N HIS A 391 -31.81 -13.80 24.18
CA HIS A 391 -31.74 -12.35 23.97
C HIS A 391 -31.33 -11.58 25.22
N VAL A 392 -30.14 -10.98 25.15
CA VAL A 392 -29.41 -10.48 26.33
C VAL A 392 -29.28 -8.96 26.35
N SER A 393 -29.74 -8.33 27.44
CA SER A 393 -29.43 -6.91 27.71
C SER A 393 -27.93 -6.78 27.97
N ILE A 394 -27.27 -5.87 27.25
CA ILE A 394 -25.80 -5.80 27.20
C ILE A 394 -25.36 -4.36 26.98
N ASN A 395 -24.39 -3.89 27.78
CA ASN A 395 -23.86 -2.54 27.55
C ASN A 395 -22.60 -2.56 26.68
N ASP A 396 -21.99 -1.38 26.50
CA ASP A 396 -20.84 -1.21 25.61
C ASP A 396 -19.55 -1.88 26.09
N LYS A 397 -19.36 -1.95 27.41
CA LYS A 397 -18.20 -2.67 27.90
C LYS A 397 -18.42 -4.12 27.55
N GLN A 398 -19.56 -4.65 27.98
CA GLN A 398 -19.88 -6.06 27.82
C GLN A 398 -19.77 -6.53 26.37
N ALA A 399 -20.36 -5.75 25.47
CA ALA A 399 -20.20 -5.96 24.03
C ALA A 399 -18.75 -6.17 23.62
N LEU A 400 -17.80 -5.56 24.33
CA LEU A 400 -16.38 -5.73 24.05
C LEU A 400 -15.80 -6.95 24.76
N MET A 401 -16.34 -7.23 25.96
CA MET A 401 -16.04 -8.47 26.70
C MET A 401 -16.38 -9.70 25.87
N HIS A 402 -17.61 -9.74 25.38
CA HIS A 402 -18.08 -10.84 24.55
C HIS A 402 -17.61 -10.75 23.12
N SER A 403 -17.26 -9.53 22.69
CA SER A 403 -17.06 -9.23 21.28
C SER A 403 -18.34 -9.59 20.52
N SER A 404 -19.39 -8.81 20.80
CA SER A 404 -20.71 -9.06 20.27
C SER A 404 -20.97 -8.24 19.02
N ASN A 405 -20.99 -8.90 17.87
CA ASN A 405 -21.23 -8.24 16.58
C ASN A 405 -22.50 -7.40 16.49
N VAL A 406 -23.56 -7.91 17.10
CA VAL A 406 -24.87 -7.30 17.01
C VAL A 406 -24.93 -5.94 17.71
N TYR A 407 -24.11 -5.72 18.74
CA TYR A 407 -24.03 -4.40 19.35
C TYR A 407 -23.42 -3.42 18.35
N MET A 408 -22.37 -3.85 17.68
CA MET A 408 -21.72 -3.00 16.70
C MET A 408 -22.65 -2.80 15.49
N PHE A 409 -23.41 -3.83 15.14
CA PHE A 409 -24.42 -3.72 14.07
C PHE A 409 -25.52 -2.71 14.39
N LYS A 410 -25.91 -2.68 15.64
CA LYS A 410 -26.98 -1.80 16.13
C LYS A 410 -26.50 -0.35 16.21
N THR A 411 -25.26 -0.15 16.63
CA THR A 411 -24.68 1.19 16.65
C THR A 411 -24.51 1.70 15.23
N ALA A 412 -24.05 0.82 14.35
CA ALA A 412 -23.87 1.16 12.96
C ALA A 412 -25.20 1.63 12.36
N LEU A 413 -26.23 0.80 12.49
CA LEU A 413 -27.58 1.22 12.08
C LEU A 413 -28.00 2.55 12.69
N LYS A 414 -27.76 2.74 13.98
CA LYS A 414 -28.09 4.01 14.61
C LYS A 414 -27.26 5.17 14.04
N LEU A 415 -26.02 4.89 13.63
CA LEU A 415 -25.17 5.90 13.00
C LEU A 415 -25.67 6.27 11.58
N ALA A 416 -26.41 5.35 10.99
CA ALA A 416 -27.02 5.57 9.70
C ALA A 416 -28.38 6.26 9.79
N GLY A 417 -28.83 6.62 11.00
CA GLY A 417 -30.12 7.24 11.22
C GLY A 417 -31.28 6.27 10.98
N ASP A 418 -30.95 4.98 11.12
CA ASP A 418 -31.85 3.90 10.72
C ASP A 418 -31.84 2.76 11.72
N PRO A 419 -32.23 3.04 12.98
CA PRO A 419 -32.05 2.03 14.03
C PRO A 419 -32.80 0.73 13.70
N TYR A 420 -32.33 -0.38 14.24
CA TYR A 420 -32.86 -1.68 13.88
C TYR A 420 -34.33 -1.87 14.23
N TYR A 421 -35.06 -2.44 13.27
CA TYR A 421 -36.32 -3.10 13.53
C TYR A 421 -36.35 -4.35 12.65
N SER A 422 -36.90 -5.46 13.16
CA SER A 422 -36.92 -6.69 12.38
C SER A 422 -37.63 -6.50 11.05
N GLY A 423 -37.03 -7.04 10.00
CA GLY A 423 -37.60 -6.95 8.66
C GLY A 423 -37.48 -5.58 8.01
N MET A 424 -36.50 -4.79 8.45
CA MET A 424 -36.24 -3.50 7.83
C MET A 424 -35.46 -3.76 6.55
N ALA A 425 -35.57 -2.90 5.55
CA ALA A 425 -34.62 -3.02 4.46
C ALA A 425 -33.27 -2.39 4.89
N LEU A 426 -32.18 -2.87 4.31
CA LEU A 426 -30.89 -2.24 4.55
C LEU A 426 -30.93 -0.86 3.91
N PRO A 427 -30.57 0.16 4.69
CA PRO A 427 -30.50 1.53 4.15
C PRO A 427 -29.63 1.55 2.89
N SER A 428 -30.13 2.08 1.79
CA SER A 428 -29.52 1.91 0.45
C SER A 428 -28.42 2.90 0.05
N ASP A 429 -28.30 4.01 0.76
CA ASP A 429 -27.15 4.87 0.57
C ASP A 429 -26.50 4.99 1.93
N ILE A 430 -25.29 4.47 2.05
CA ILE A 430 -24.64 4.47 3.35
C ILE A 430 -23.33 5.22 3.27
N SER A 431 -23.14 5.89 2.13
CA SER A 431 -22.08 6.90 1.95
C SER A 431 -21.76 7.67 3.22
N SER A 432 -22.76 8.39 3.73
CA SER A 432 -22.58 9.34 4.82
C SER A 432 -22.16 8.67 6.15
N PRO A 433 -22.94 7.69 6.65
CA PRO A 433 -22.49 6.95 7.85
C PRO A 433 -21.10 6.30 7.71
N ALA A 434 -20.84 5.70 6.55
CA ALA A 434 -19.58 5.03 6.31
C ALA A 434 -18.45 6.02 6.43
N GLN A 435 -18.71 7.24 5.98
CA GLN A 435 -17.70 8.28 6.07
C GLN A 435 -17.47 8.68 7.54
N LYS A 436 -18.56 8.89 8.27
CA LYS A 436 -18.47 9.21 9.71
C LYS A 436 -17.76 8.09 10.42
N LEU A 437 -18.10 6.86 10.08
CA LEU A 437 -17.47 5.70 10.70
C LEU A 437 -15.96 5.70 10.39
N ARG A 438 -15.60 5.67 9.10
CA ARG A 438 -14.20 5.63 8.71
C ARG A 438 -13.36 6.74 9.38
N ARG A 439 -13.93 7.94 9.50
CA ARG A 439 -13.16 9.03 10.08
C ARG A 439 -12.95 8.76 11.56
N GLY A 440 -13.96 8.17 12.20
CA GLY A 440 -13.79 7.57 13.51
C GLY A 440 -12.57 6.66 13.57
N LEU A 441 -12.59 5.56 12.82
CA LEU A 441 -11.48 4.61 12.85
C LEU A 441 -10.14 5.28 12.52
N ASN A 442 -10.12 6.13 11.47
CA ASN A 442 -8.93 6.92 11.11
C ASN A 442 -8.30 7.65 12.29
N GLN A 443 -9.07 7.98 13.30
CA GLN A 443 -8.54 8.77 14.38
C GLN A 443 -7.61 7.97 15.26
N VAL A 444 -7.89 6.67 15.40
CA VAL A 444 -7.00 5.83 16.20
C VAL A 444 -5.97 5.11 15.34
N GLY A 445 -5.88 5.48 14.07
CA GLY A 445 -4.84 4.97 13.19
C GLY A 445 -5.31 3.88 12.25
N LEU A 446 -6.62 3.58 12.26
CA LEU A 446 -7.17 2.52 11.41
C LEU A 446 -7.61 3.06 10.05
N GLY A 447 -6.82 2.78 9.00
CA GLY A 447 -7.15 3.15 7.63
C GLY A 447 -6.39 4.37 7.13
N VAL A 448 -5.36 4.74 7.87
CA VAL A 448 -4.57 5.93 7.57
C VAL A 448 -3.15 5.47 7.89
N LYS A 449 -2.12 6.07 7.30
CA LYS A 449 -0.78 5.61 7.61
C LYS A 449 -0.42 5.97 9.04
N THR A 450 0.43 5.17 9.69
CA THR A 450 0.78 5.44 11.06
C THR A 450 1.82 6.53 11.09
N GLY A 451 2.55 6.66 9.97
CA GLY A 451 3.61 7.64 9.84
C GLY A 451 5.01 7.16 10.16
N ILE A 452 5.14 5.88 10.52
CA ILE A 452 6.44 5.26 10.84
C ILE A 452 7.62 5.66 9.91
N ASP A 453 8.81 5.77 10.51
CA ASP A 453 9.98 6.22 9.76
C ASP A 453 10.62 5.12 8.90
N LEU A 454 9.82 4.52 8.02
CA LEU A 454 10.33 3.49 7.08
C LEU A 454 9.55 3.52 5.79
N PRO A 455 10.18 3.11 4.67
CA PRO A 455 9.47 3.26 3.38
C PRO A 455 8.46 2.14 3.19
N ASN A 456 7.51 2.34 2.26
CA ASN A 456 6.53 1.36 1.83
C ASN A 456 5.34 1.05 2.75
N GLU A 457 5.10 1.88 3.75
CA GLU A 457 3.89 1.68 4.54
C GLU A 457 2.62 1.78 3.65
N THR A 458 1.64 0.95 3.99
CA THR A 458 0.30 0.96 3.40
C THR A 458 -0.72 1.39 4.44
N ARG A 459 -1.81 2.01 4.01
CA ARG A 459 -2.88 2.35 4.92
C ARG A 459 -3.97 1.29 4.87
N GLY A 460 -3.86 0.35 3.94
CA GLY A 460 -4.87 -0.68 3.82
C GLY A 460 -5.78 -0.55 2.61
N GLN A 461 -6.51 -1.63 2.31
CA GLN A 461 -7.42 -1.62 1.17
C GLN A 461 -8.71 -0.87 1.55
N ILE A 462 -9.06 0.17 0.80
CA ILE A 462 -10.24 0.96 1.11
C ILE A 462 -11.21 1.10 -0.07
N GLU A 463 -12.17 0.18 -0.16
CA GLU A 463 -13.08 0.13 -1.30
C GLU A 463 -14.32 1.03 -1.11
N PRO A 464 -14.91 1.48 -2.23
CA PRO A 464 -16.12 2.32 -2.18
C PRO A 464 -17.15 1.80 -1.19
N LEU A 465 -17.79 2.71 -0.46
CA LEU A 465 -18.81 2.34 0.51
C LEU A 465 -20.01 3.26 0.32
N THR A 466 -20.92 2.87 -0.56
CA THR A 466 -22.01 3.73 -0.99
C THR A 466 -23.37 3.01 -0.95
N ASN A 467 -23.46 1.88 -1.62
CA ASN A 467 -24.71 1.15 -1.71
C ASN A 467 -24.56 -0.36 -1.62
N ASN A 468 -23.61 -0.80 -0.81
CA ASN A 468 -23.70 -2.14 -0.24
C ASN A 468 -23.46 -1.96 1.24
N PRO A 469 -24.57 -1.86 1.99
CA PRO A 469 -24.72 -1.66 3.43
C PRO A 469 -24.20 -2.86 4.24
N GLY A 470 -24.25 -4.04 3.63
CA GLY A 470 -23.67 -5.22 4.22
C GLY A 470 -22.17 -5.03 4.46
N ASN A 471 -21.49 -4.48 3.46
CA ASN A 471 -20.10 -4.05 3.62
C ASN A 471 -19.93 -2.95 4.66
N TYR A 472 -20.97 -2.16 4.84
CA TYR A 472 -20.96 -1.12 5.86
C TYR A 472 -20.87 -1.79 7.23
N LEU A 473 -21.78 -2.71 7.51
CA LEU A 473 -21.78 -3.42 8.79
C LEU A 473 -20.58 -4.34 8.97
N ASP A 474 -20.09 -4.89 7.86
CA ASP A 474 -18.82 -5.63 7.87
C ASP A 474 -17.75 -4.73 8.46
N LEU A 475 -17.73 -3.48 8.01
CA LEU A 475 -16.70 -2.50 8.42
C LEU A 475 -16.74 -2.24 9.91
N SER A 476 -17.94 -2.14 10.47
CA SER A 476 -18.11 -1.89 11.90
C SER A 476 -17.59 -3.06 12.70
N ILE A 477 -17.23 -4.15 12.02
CA ILE A 477 -16.91 -5.39 12.69
C ILE A 477 -15.57 -5.97 12.22
N GLY A 478 -14.86 -5.19 11.41
CA GLY A 478 -13.56 -5.56 10.89
C GLY A 478 -13.51 -6.54 9.72
N GLN A 479 -14.63 -6.72 9.02
CA GLN A 479 -14.62 -7.65 7.88
C GLN A 479 -14.84 -6.98 6.52
N TYR A 480 -14.38 -5.74 6.36
CA TYR A 480 -14.33 -5.14 5.03
C TYR A 480 -12.95 -4.56 4.71
N ASP A 481 -12.53 -3.57 5.47
CA ASP A 481 -11.31 -2.86 5.15
C ASP A 481 -10.14 -3.60 5.77
N THR A 482 -9.08 -3.83 4.99
CA THR A 482 -7.89 -4.48 5.52
C THR A 482 -6.96 -3.46 6.22
N TYR A 483 -6.41 -3.85 7.37
CA TYR A 483 -5.53 -2.99 8.14
C TYR A 483 -4.13 -3.55 8.26
N THR A 484 -3.26 -2.81 8.95
CA THR A 484 -1.87 -3.24 9.15
C THR A 484 -1.59 -3.54 10.64
N PRO A 485 -0.69 -4.50 10.90
CA PRO A 485 -0.30 -4.82 12.29
C PRO A 485 0.23 -3.59 13.05
N LEU A 486 0.93 -2.70 12.35
CA LEU A 486 1.39 -1.45 12.93
C LEU A 486 0.22 -0.53 13.23
N GLN A 487 -0.76 -0.52 12.35
CA GLN A 487 -2.00 0.25 12.53
C GLN A 487 -2.73 -0.22 13.77
N LEU A 488 -2.70 -1.53 14.01
CA LEU A 488 -3.40 -2.11 15.17
C LEU A 488 -2.71 -1.64 16.44
N SER A 489 -1.38 -1.59 16.37
CA SER A 489 -0.56 -1.20 17.49
C SER A 489 -0.79 0.25 17.79
N GLN A 490 -0.91 1.06 16.73
CA GLN A 490 -1.11 2.48 16.93
C GLN A 490 -2.47 2.70 17.57
N TYR A 491 -3.40 1.79 17.27
CA TYR A 491 -4.78 1.90 17.73
C TYR A 491 -4.96 1.54 19.22
N VAL A 492 -4.44 0.40 19.69
CA VAL A 492 -4.50 0.15 21.15
C VAL A 492 -3.78 1.28 21.84
N SER A 493 -2.57 1.57 21.32
CA SER A 493 -1.69 2.60 21.89
C SER A 493 -2.36 3.93 22.17
N THR A 494 -3.24 4.36 21.27
CA THR A 494 -3.92 5.61 21.53
C THR A 494 -5.01 5.43 22.59
N ILE A 495 -5.56 4.22 22.69
CA ILE A 495 -6.50 3.91 23.78
C ILE A 495 -5.81 3.97 25.14
N ALA A 496 -4.60 3.42 25.21
CA ALA A 496 -3.81 3.40 26.44
C ALA A 496 -3.26 4.78 26.80
N ASN A 497 -3.17 5.64 25.79
CA ASN A 497 -2.62 6.99 25.93
C ASN A 497 -3.71 8.01 26.24
N ASP A 498 -4.90 7.54 26.63
CA ASP A 498 -6.05 8.42 26.88
C ASP A 498 -6.41 9.24 25.64
N GLY A 499 -6.19 8.63 24.49
CA GLY A 499 -6.70 9.19 23.24
C GLY A 499 -5.68 9.88 22.36
N TYR A 500 -4.39 9.71 22.63
CA TYR A 500 -3.36 10.42 21.86
C TYR A 500 -2.68 9.49 20.85
N ARG A 501 -3.05 9.64 19.59
CA ARG A 501 -2.41 8.92 18.51
C ARG A 501 -0.97 9.44 18.32
N ILE A 502 0.01 8.55 18.41
CA ILE A 502 1.38 9.00 18.31
C ILE A 502 2.06 8.30 17.15
N GLN A 503 2.86 9.08 16.41
CA GLN A 503 3.56 8.60 15.24
C GLN A 503 4.69 7.69 15.63
N PRO A 504 4.52 6.39 15.34
CA PRO A 504 5.54 5.40 15.77
C PRO A 504 6.87 5.67 15.08
N HIS A 505 7.97 5.29 15.73
CA HIS A 505 9.30 5.40 15.14
C HIS A 505 10.22 4.32 15.68
N ILE A 506 11.06 3.85 14.77
CA ILE A 506 12.11 2.89 15.05
C ILE A 506 13.40 3.69 15.09
N GLY A 507 13.32 4.97 14.73
CA GLY A 507 14.42 5.88 14.98
C GLY A 507 14.40 6.41 16.41
N LEU A 508 15.56 6.37 17.09
CA LEU A 508 15.61 6.87 18.44
C LEU A 508 16.39 8.19 18.49
N THR A 509 17.70 8.14 18.37
CA THR A 509 18.50 9.36 18.30
C THR A 509 19.55 9.29 17.21
N ILE A 510 20.11 10.44 16.88
CA ILE A 510 21.12 10.56 15.85
C ILE A 510 22.36 11.20 16.48
N HIS A 511 23.51 10.58 16.31
CA HIS A 511 24.70 11.07 16.99
C HIS A 511 25.72 11.52 15.99
N GLU A 512 26.91 11.84 16.45
CA GLU A 512 27.91 12.24 15.48
C GLU A 512 28.91 11.11 15.25
N SER A 513 29.76 11.30 14.24
CA SER A 513 30.64 10.25 13.77
C SER A 513 31.76 9.96 14.76
N THR A 514 32.08 8.67 14.88
CA THR A 514 33.36 8.21 15.42
C THR A 514 33.67 6.82 14.86
N ASN A 515 34.95 6.42 14.89
CA ASN A 515 35.33 5.06 14.51
C ASN A 515 35.41 4.19 15.74
N LYS A 516 35.71 4.83 16.87
CA LYS A 516 35.77 4.15 18.14
C LYS A 516 34.46 4.30 18.90
N ASP A 517 34.22 5.52 19.39
CA ASP A 517 33.32 5.78 20.52
C ASP A 517 31.86 5.36 20.37
N GLU A 518 31.54 4.25 21.03
CA GLU A 518 30.21 3.66 20.97
C GLU A 518 29.14 4.52 21.70
N VAL A 519 29.49 5.76 22.03
CA VAL A 519 28.51 6.81 22.26
C VAL A 519 28.47 7.68 20.99
N GLY A 520 29.25 8.77 20.98
CA GLY A 520 29.11 9.84 19.99
C GLY A 520 28.09 10.86 20.49
N PRO A 521 28.46 12.16 20.54
CA PRO A 521 27.50 13.11 21.12
C PRO A 521 26.22 13.28 20.29
N LEU A 522 25.11 13.60 20.93
CA LEU A 522 23.79 13.66 20.26
C LEU A 522 23.69 14.79 19.22
N LYS A 523 22.99 14.52 18.12
CA LYS A 523 22.69 15.56 17.13
C LYS A 523 21.19 15.77 17.06
N LYS A 524 20.44 14.67 16.95
CA LYS A 524 19.00 14.76 16.80
C LYS A 524 18.24 13.70 17.59
N LYS A 525 17.37 14.13 18.50
CA LYS A 525 16.38 13.21 19.07
C LYS A 525 15.28 13.03 18.04
N ILE A 526 14.82 11.78 17.84
CA ILE A 526 13.69 11.48 16.95
C ILE A 526 12.41 11.25 17.78
N ASN A 527 11.53 12.23 17.78
CA ASN A 527 10.43 12.18 18.73
C ASN A 527 9.22 11.49 18.18
N GLY A 528 8.48 10.84 19.09
CA GLY A 528 7.17 10.28 18.77
C GLY A 528 6.15 11.39 18.80
N THR A 529 5.93 11.98 17.64
CA THR A 529 5.07 13.15 17.46
C THR A 529 3.59 12.88 17.74
N VAL A 530 2.92 13.73 18.52
CA VAL A 530 1.47 13.57 18.69
C VAL A 530 0.75 13.93 17.38
N LEU A 531 -0.05 12.99 16.87
CA LEU A 531 -0.65 13.18 15.55
C LEU A 531 -1.99 13.91 15.66
N ASN A 532 -2.77 13.47 16.65
CA ASN A 532 -4.04 14.09 17.01
C ASN A 532 -4.52 13.43 18.30
N LYS A 533 -5.61 13.94 18.86
CA LYS A 533 -6.29 13.24 19.95
C LYS A 533 -7.67 12.84 19.44
N VAL A 534 -8.18 11.70 19.89
CA VAL A 534 -9.49 11.27 19.45
C VAL A 534 -10.51 12.32 19.82
N ASN A 535 -11.42 12.62 18.89
CA ASN A 535 -12.57 13.42 19.24
C ASN A 535 -13.52 12.63 20.14
N ASN A 536 -13.14 12.49 21.41
CA ASN A 536 -13.97 11.83 22.43
C ASN A 536 -13.57 12.33 23.82
N THR A 537 -14.52 12.28 24.76
CA THR A 537 -14.29 12.68 26.16
C THR A 537 -13.57 11.59 26.93
N GLU A 538 -12.89 11.96 28.00
CA GLU A 538 -12.21 10.99 28.86
C GLU A 538 -13.12 9.83 29.24
N LYS A 539 -14.36 10.15 29.63
CA LYS A 539 -15.36 9.14 29.95
C LYS A 539 -15.65 8.19 28.78
N GLU A 540 -15.88 8.75 27.59
CA GLU A 540 -15.98 7.92 26.40
C GLU A 540 -14.73 7.05 26.24
N ILE A 541 -13.56 7.67 26.37
CA ILE A 541 -12.28 6.97 26.29
C ILE A 541 -12.17 5.83 27.34
N LYS A 542 -12.24 6.21 28.61
CA LYS A 542 -12.18 5.27 29.72
C LYS A 542 -13.07 4.04 29.49
N GLN A 543 -14.23 4.24 28.87
CA GLN A 543 -15.15 3.12 28.63
C GLN A 543 -14.57 2.04 27.75
N ILE A 544 -13.90 2.44 26.68
CA ILE A 544 -13.26 1.46 25.80
C ILE A 544 -12.18 0.67 26.54
N GLN A 545 -11.41 1.34 27.39
CA GLN A 545 -10.39 0.63 28.16
C GLN A 545 -10.94 -0.17 29.34
N GLU A 546 -12.04 0.30 29.93
CA GLU A 546 -12.76 -0.50 30.91
C GLU A 546 -13.22 -1.79 30.24
N GLY A 547 -13.76 -1.65 29.02
CA GLY A 547 -14.15 -2.80 28.22
C GLY A 547 -12.95 -3.67 27.91
N PHE A 548 -11.85 -3.02 27.56
CA PHE A 548 -10.62 -3.72 27.23
C PHE A 548 -10.07 -4.52 28.39
N LYS A 549 -10.15 -3.97 29.61
CA LYS A 549 -9.79 -4.76 30.78
C LYS A 549 -10.64 -6.02 30.88
N MET A 550 -11.97 -5.86 30.85
CA MET A 550 -12.87 -6.97 31.09
C MET A 550 -13.09 -7.83 29.84
N ALA A 551 -12.09 -7.88 28.96
CA ALA A 551 -12.09 -8.86 27.89
C ALA A 551 -10.90 -9.74 28.16
N PHE A 552 -10.02 -9.23 29.02
CA PHE A 552 -8.80 -9.90 29.45
C PHE A 552 -8.81 -10.24 30.94
N ASN A 553 -9.56 -9.48 31.74
CA ASN A 553 -9.63 -9.71 33.18
C ASN A 553 -10.96 -10.31 33.66
N ASP A 554 -11.92 -10.39 32.74
CA ASP A 554 -13.15 -11.10 33.01
C ASP A 554 -13.24 -12.42 32.24
N LYS A 555 -14.32 -13.13 32.50
CA LYS A 555 -14.34 -14.58 32.40
C LYS A 555 -14.74 -15.15 31.02
N ASP A 556 -15.91 -14.76 30.51
CA ASP A 556 -16.24 -15.06 29.13
C ASP A 556 -15.66 -13.97 28.22
N GLY A 557 -14.92 -13.03 28.81
CA GLY A 557 -14.13 -12.08 28.06
C GLY A 557 -13.19 -12.85 27.18
N THR A 558 -13.29 -12.63 25.87
CA THR A 558 -12.71 -13.56 24.92
C THR A 558 -11.18 -13.59 24.93
N GLY A 559 -10.58 -12.97 25.94
CA GLY A 559 -9.13 -13.04 26.09
C GLY A 559 -8.68 -13.49 27.46
N TYR A 560 -9.47 -14.36 28.08
CA TYR A 560 -9.12 -14.90 29.38
C TYR A 560 -8.15 -16.08 29.21
N VAL A 561 -8.46 -16.96 28.26
CA VAL A 561 -7.64 -18.14 27.98
C VAL A 561 -6.14 -17.86 27.74
N SER A 562 -5.81 -16.62 27.36
CA SER A 562 -4.43 -16.27 27.07
C SER A 562 -3.89 -15.20 28.01
N PHE A 563 -4.77 -14.33 28.48
CA PHE A 563 -4.33 -13.17 29.25
C PHE A 563 -4.83 -13.16 30.66
N LYS A 564 -5.73 -14.12 30.97
CA LYS A 564 -6.51 -14.23 32.24
C LYS A 564 -6.03 -13.33 33.37
N ASP A 565 -4.82 -13.63 33.84
CA ASP A 565 -3.95 -12.63 34.44
C ASP A 565 -2.53 -13.15 34.30
N THR A 566 -1.58 -12.22 34.32
CA THR A 566 -0.17 -12.59 34.35
C THR A 566 0.61 -11.46 35.01
N VAL A 567 1.93 -11.52 34.97
CA VAL A 567 2.78 -10.77 35.91
C VAL A 567 2.51 -9.27 36.00
N VAL A 568 1.70 -8.78 35.08
CA VAL A 568 1.24 -7.42 35.15
C VAL A 568 -0.10 -7.42 34.44
N PRO A 569 -1.02 -6.56 34.91
CA PRO A 569 -2.37 -6.56 34.34
C PRO A 569 -2.31 -6.07 32.89
N THR A 570 -3.07 -6.71 32.01
CA THR A 570 -3.04 -6.39 30.58
C THR A 570 -4.45 -6.22 30.05
N ALA A 571 -4.74 -5.06 29.46
CA ALA A 571 -6.03 -4.81 28.81
C ALA A 571 -5.89 -5.00 27.30
N GLY A 572 -6.94 -5.47 26.62
CA GLY A 572 -6.90 -5.62 25.18
C GLY A 572 -8.21 -5.97 24.48
N LYS A 573 -8.10 -6.65 23.34
CA LYS A 573 -9.25 -7.05 22.54
C LYS A 573 -8.74 -8.06 21.51
N THR A 574 -9.62 -8.91 20.99
CA THR A 574 -9.18 -9.91 20.03
C THR A 574 -10.09 -9.98 18.80
N GLY A 575 -9.75 -10.85 17.86
CA GLY A 575 -10.43 -10.89 16.57
C GLY A 575 -10.27 -12.16 15.75
N THR A 576 -11.40 -12.72 15.31
CA THR A 576 -11.43 -13.81 14.35
C THR A 576 -12.14 -13.36 13.06
N ALA A 577 -11.44 -13.48 11.93
CA ALA A 577 -11.96 -12.98 10.67
C ALA A 577 -12.11 -14.02 9.53
N GLU A 578 -13.31 -14.13 8.98
CA GLU A 578 -13.56 -14.97 7.80
C GLU A 578 -12.85 -14.44 6.55
N VAL A 579 -12.10 -15.32 5.90
CA VAL A 579 -11.48 -14.99 4.62
C VAL A 579 -11.34 -16.26 3.77
N PHE A 580 -10.93 -16.12 2.51
CA PHE A 580 -10.89 -17.26 1.59
C PHE A 580 -9.51 -17.55 0.96
N GLN A 581 -8.81 -18.58 1.48
CA GLN A 581 -7.52 -19.01 0.93
C GLN A 581 -7.72 -19.86 -0.33
N GLU A 584 -10.35 -21.20 -0.93
CA GLU A 584 -10.83 -22.14 0.09
C GLU A 584 -10.89 -21.49 1.48
N PRO A 585 -11.99 -21.70 2.22
CA PRO A 585 -12.33 -21.01 3.49
C PRO A 585 -11.39 -21.30 4.66
N ARG A 586 -10.94 -20.26 5.34
CA ARG A 586 -10.07 -20.35 6.53
C ARG A 586 -10.37 -19.14 7.43
N VAL A 587 -9.53 -18.86 8.42
CA VAL A 587 -9.80 -17.71 9.31
C VAL A 587 -8.57 -16.84 9.62
N ASN A 588 -8.79 -15.57 9.95
CA ASN A 588 -7.69 -14.76 10.49
C ASN A 588 -7.88 -14.54 11.99
N SER A 589 -6.79 -14.66 12.73
CA SER A 589 -6.82 -14.51 14.19
C SER A 589 -5.98 -13.30 14.60
N THR A 590 -6.56 -12.40 15.40
CA THR A 590 -5.95 -11.09 15.70
C THR A 590 -5.99 -10.76 17.18
N TYR A 591 -4.95 -10.14 17.70
CA TYR A 591 -4.92 -9.81 19.10
C TYR A 591 -4.28 -8.45 19.27
N ILE A 592 -4.91 -7.57 20.05
CA ILE A 592 -4.24 -6.33 20.48
C ILE A 592 -4.35 -6.11 21.98
N GLY A 593 -3.32 -5.53 22.59
CA GLY A 593 -3.38 -5.19 23.99
C GLY A 593 -2.32 -4.21 24.46
N TYR A 594 -2.30 -3.98 25.78
CA TYR A 594 -1.30 -3.12 26.39
C TYR A 594 -1.18 -3.40 27.89
N ALA A 595 -0.11 -2.89 28.49
CA ALA A 595 0.23 -3.20 29.86
C ALA A 595 1.29 -2.25 30.42
N PRO A 596 1.25 -2.00 31.74
CA PRO A 596 0.17 -2.36 32.68
C PRO A 596 -1.00 -1.35 32.65
N ILE A 597 -2.19 -1.75 33.11
CA ILE A 597 -3.36 -0.87 33.05
C ILE A 597 -3.10 0.53 33.66
N ASP A 598 -2.54 0.62 34.87
CA ASP A 598 -2.52 1.91 35.56
C ASP A 598 -1.59 2.96 34.98
N ASP A 599 -0.42 2.56 34.49
CA ASP A 599 0.42 3.47 33.70
C ASP A 599 1.13 2.67 32.62
N PRO A 600 0.48 2.50 31.45
CA PRO A 600 0.96 1.58 30.41
C PRO A 600 2.38 1.91 29.95
N LYS A 601 3.07 0.92 29.41
CA LYS A 601 4.48 1.08 29.09
C LYS A 601 4.81 0.20 27.91
N LEU A 602 3.93 -0.76 27.66
CA LEU A 602 4.02 -1.65 26.52
C LEU A 602 2.68 -1.72 25.82
N ALA A 603 2.70 -1.89 24.50
CA ALA A 603 1.51 -2.32 23.78
C ALA A 603 1.95 -3.17 22.59
N PHE A 604 1.02 -3.94 22.06
CA PHE A 604 1.35 -4.91 21.03
C PHE A 604 0.13 -5.23 20.16
N SER A 605 0.41 -5.74 18.97
CA SER A 605 -0.62 -6.28 18.09
C SER A 605 -0.13 -7.61 17.54
N ILE A 606 -1.04 -8.58 17.41
CA ILE A 606 -0.69 -9.87 16.83
C ILE A 606 -1.60 -10.25 15.66
N VAL A 607 -1.00 -10.75 14.58
CA VAL A 607 -1.78 -11.25 13.45
C VAL A 607 -1.33 -12.63 12.96
N TYR A 608 -2.25 -13.60 13.10
CA TYR A 608 -2.11 -14.88 12.42
C TYR A 608 -3.09 -14.97 11.25
N THR A 609 -2.56 -15.33 10.09
CA THR A 609 -3.39 -15.35 8.88
C THR A 609 -3.73 -16.79 8.44
N ASN A 610 -4.97 -17.00 8.01
CA ASN A 610 -5.39 -18.29 7.45
C ASN A 610 -5.23 -19.52 8.37
N GLN A 611 -5.60 -19.37 9.66
CA GLN A 611 -5.81 -20.50 10.56
C GLN A 611 -7.11 -21.20 10.11
N PRO A 612 -7.21 -22.53 10.32
CA PRO A 612 -8.41 -23.23 9.82
C PRO A 612 -9.65 -22.97 10.67
N VAL A 613 -9.43 -22.24 11.75
CA VAL A 613 -10.16 -22.43 13.01
C VAL A 613 -11.51 -21.70 13.20
N PRO A 614 -12.57 -22.46 13.55
CA PRO A 614 -13.65 -21.98 14.43
C PRO A 614 -13.09 -21.78 15.87
N PRO A 615 -13.37 -20.62 16.53
CA PRO A 615 -12.65 -20.24 17.75
C PRO A 615 -13.18 -20.64 19.15
N PRO A 616 -13.83 -21.82 19.29
CA PRO A 616 -13.63 -22.45 20.60
C PRO A 616 -12.48 -23.46 20.52
N TRP A 617 -11.57 -23.26 19.55
CA TRP A 617 -10.26 -23.92 19.55
C TRP A 617 -9.24 -23.14 18.73
N LEU A 618 -8.47 -22.30 19.44
CA LEU A 618 -7.12 -21.78 19.08
C LEU A 618 -6.68 -20.65 20.02
N THR A 619 -5.39 -20.64 20.34
CA THR A 619 -4.82 -19.84 21.42
C THR A 619 -3.53 -19.17 21.01
N GLY A 620 -3.61 -18.15 20.16
CA GLY A 620 -2.39 -17.55 19.64
C GLY A 620 -1.81 -16.43 20.48
N GLY A 621 -2.68 -15.72 21.19
CA GLY A 621 -2.28 -14.60 21.99
C GLY A 621 -1.63 -15.03 23.28
N ASP A 622 -1.22 -16.29 23.36
CA ASP A 622 -0.32 -16.73 24.42
C ASP A 622 1.04 -16.14 24.08
N LEU A 623 1.24 -15.86 22.79
CA LEU A 623 2.38 -15.08 22.35
C LEU A 623 2.41 -13.75 23.09
N GLY A 624 1.29 -13.05 23.07
CA GLY A 624 1.12 -11.84 23.86
C GLY A 624 1.40 -12.02 25.34
N ARG A 625 0.93 -13.13 25.91
CA ARG A 625 1.12 -13.37 27.34
C ARG A 625 2.59 -13.58 27.65
N ASP A 626 3.23 -14.43 26.86
CA ASP A 626 4.61 -14.78 27.12
C ASP A 626 5.55 -13.59 26.96
N VAL A 627 5.37 -12.84 25.87
CA VAL A 627 6.20 -11.68 25.64
C VAL A 627 6.06 -10.63 26.75
N ILE A 628 4.83 -10.45 27.23
CA ILE A 628 4.56 -9.43 28.24
C ILE A 628 5.15 -9.84 29.60
N ASN A 629 5.25 -11.15 29.84
CA ASN A 629 5.88 -11.65 31.06
C ASN A 629 7.36 -11.33 31.10
N TYR A 630 8.03 -11.62 29.98
CA TYR A 630 9.46 -11.36 29.82
C TYR A 630 9.84 -9.91 30.08
N TYR A 631 9.11 -9.00 29.43
CA TYR A 631 9.43 -7.58 29.48
C TYR A 631 9.40 -7.01 30.90
N PHE A 632 8.35 -7.35 31.65
CA PHE A 632 8.08 -6.69 32.93
C PHE A 632 8.78 -7.29 34.15
N LYS A 633 9.14 -8.56 34.06
CA LYS A 633 9.85 -9.19 35.17
C LYS A 633 11.32 -8.76 35.18
N ALA B 1 -16.65 34.45 -8.34
CA ALA B 1 -15.42 35.17 -8.67
C ALA B 1 -14.73 35.83 -7.45
N GLN B 2 -15.00 37.11 -7.22
CA GLN B 2 -14.25 37.92 -6.28
C GLN B 2 -14.87 38.04 -4.88
N GLY B 3 -14.05 38.36 -3.88
CA GLY B 3 -14.56 38.72 -2.56
C GLY B 3 -13.79 38.22 -1.34
N SER B 4 -14.24 38.67 -0.16
CA SER B 4 -13.75 38.16 1.12
C SER B 4 -14.93 37.93 2.06
N HIS B 5 -14.81 36.95 2.94
CA HIS B 5 -15.86 36.64 3.91
C HIS B 5 -15.24 36.55 5.31
N TYR B 6 -15.96 37.09 6.29
CA TYR B 6 -15.45 37.18 7.66
C TYR B 6 -15.16 35.81 8.27
N LYS B 7 -13.97 35.67 8.82
CA LYS B 7 -13.56 34.38 9.40
C LYS B 7 -13.16 34.53 10.88
N GLN B 8 -12.51 35.63 11.22
CA GLN B 8 -11.92 35.76 12.54
C GLN B 8 -11.87 37.18 13.07
N ILE B 9 -12.35 37.36 14.29
CA ILE B 9 -12.37 38.67 14.93
C ILE B 9 -11.80 38.57 16.34
N ILE B 10 -10.69 39.26 16.56
CA ILE B 10 -9.88 39.06 17.76
C ILE B 10 -9.66 40.38 18.49
N LYS B 11 -9.99 40.43 19.78
CA LYS B 11 -9.74 41.63 20.58
C LYS B 11 -8.50 41.49 21.45
N ASN B 12 -7.88 42.63 21.76
CA ASN B 12 -6.93 42.72 22.87
C ASN B 12 -6.72 44.17 23.27
N ASP B 13 -7.60 44.62 24.16
CA ASP B 13 -7.52 45.94 24.76
C ASP B 13 -7.54 47.07 23.72
N GLU B 14 -8.68 47.19 23.05
CA GLU B 14 -8.87 48.23 22.03
C GLU B 14 -7.91 48.08 20.85
N ASN B 15 -7.94 46.90 20.24
CA ASN B 15 -7.12 46.62 19.05
C ASN B 15 -7.59 45.35 18.37
N ILE B 16 -8.61 45.49 17.54
CA ILE B 16 -9.28 44.36 16.95
C ILE B 16 -8.57 43.94 15.68
N THR B 17 -8.45 42.64 15.50
CA THR B 17 -7.87 42.10 14.29
C THR B 17 -8.92 41.25 13.60
N VAL B 18 -9.11 41.49 12.31
CA VAL B 18 -10.17 40.83 11.56
C VAL B 18 -9.54 40.14 10.39
N ASN B 19 -9.81 38.85 10.27
CA ASN B 19 -9.25 38.06 9.20
C ASN B 19 -10.39 37.68 8.28
N GLU B 20 -10.25 37.98 7.00
CA GLU B 20 -11.27 37.62 6.02
C GLU B 20 -10.74 36.45 5.20
N SER B 21 -11.61 35.56 4.76
CA SER B 21 -11.17 34.40 3.98
C SER B 21 -11.30 34.68 2.49
N VAL B 22 -10.54 33.95 1.68
CA VAL B 22 -10.42 34.24 0.23
C VAL B 22 -10.74 32.98 -0.60
N PRO B 23 -11.04 33.13 -1.90
CA PRO B 23 -11.33 31.97 -2.75
C PRO B 23 -10.08 31.12 -3.08
N ARG B 24 -10.25 29.80 -3.19
CA ARG B 24 -9.14 28.93 -3.63
C ARG B 24 -8.87 29.04 -5.15
N GLY B 25 -7.66 28.67 -5.55
CA GLY B 25 -7.34 28.59 -6.97
C GLY B 25 -8.28 27.67 -7.72
N ARG B 26 -8.45 27.89 -9.01
CA ARG B 26 -9.32 27.04 -9.77
C ARG B 26 -8.58 25.79 -10.27
N ILE B 27 -9.32 24.73 -10.59
CA ILE B 27 -8.71 23.57 -11.25
C ILE B 27 -9.22 23.46 -12.69
N LEU B 28 -8.31 23.34 -13.65
CA LEU B 28 -8.68 23.32 -15.07
C LEU B 28 -8.06 22.15 -15.85
N ASP B 29 -8.71 21.79 -16.96
CA ASP B 29 -8.19 20.81 -17.91
C ASP B 29 -7.08 21.41 -18.77
N ARG B 30 -6.46 20.59 -19.63
CA ARG B 30 -5.25 21.01 -20.32
C ARG B 30 -5.45 22.21 -21.23
N ASN B 31 -6.68 22.39 -21.71
CA ASN B 31 -6.95 23.47 -22.65
C ASN B 31 -7.55 24.67 -21.91
N GLY B 32 -7.85 24.49 -20.63
CA GLY B 32 -8.29 25.61 -19.81
C GLY B 32 -9.76 25.66 -19.42
N LYS B 33 -10.50 24.57 -19.63
CA LYS B 33 -11.88 24.46 -19.16
C LYS B 33 -11.94 24.33 -17.63
N VAL B 34 -12.87 25.06 -17.02
CA VAL B 34 -13.01 25.10 -15.56
C VAL B 34 -13.59 23.80 -14.99
N LEU B 35 -12.79 23.08 -14.20
CA LEU B 35 -13.26 21.87 -13.52
C LEU B 35 -13.76 22.19 -12.10
N VAL B 36 -12.92 22.84 -11.31
CA VAL B 36 -13.30 23.27 -9.95
C VAL B 36 -13.27 24.79 -9.78
N ASP B 37 -14.44 25.41 -9.63
CA ASP B 37 -14.53 26.87 -9.37
C ASP B 37 -14.91 27.22 -7.91
N ASN B 38 -15.11 28.49 -7.62
CA ASN B 38 -15.65 28.86 -6.31
C ASN B 38 -17.00 29.55 -6.46
N ALA B 39 -17.89 29.39 -5.48
CA ALA B 39 -19.12 30.17 -5.46
C ALA B 39 -19.30 30.74 -4.07
N SER B 40 -19.90 31.93 -3.99
CA SER B 40 -20.15 32.54 -2.70
C SER B 40 -21.53 32.09 -2.20
N LYS B 41 -21.56 31.56 -1.00
CA LYS B 41 -22.69 30.78 -0.57
C LYS B 41 -23.22 31.10 0.86
N MET B 42 -24.55 31.01 1.01
CA MET B 42 -25.18 31.17 2.31
C MET B 42 -25.35 29.83 3.02
N ALA B 43 -24.65 29.67 4.13
CA ALA B 43 -24.82 28.49 4.99
C ALA B 43 -25.90 28.75 6.02
N ILE B 44 -27.10 28.20 5.77
CA ILE B 44 -28.18 28.18 6.76
C ILE B 44 -28.00 27.02 7.74
N THR B 45 -28.10 27.29 9.03
CA THR B 45 -27.81 26.29 10.05
C THR B 45 -28.88 26.30 11.16
N TYR B 46 -29.27 25.11 11.62
CA TYR B 46 -30.15 25.00 12.79
C TYR B 46 -29.38 24.60 14.02
N THR B 47 -29.55 25.39 15.06
CA THR B 47 -29.04 25.02 16.36
C THR B 47 -30.11 25.32 17.39
N ARG B 48 -30.99 24.38 17.64
CA ARG B 48 -31.75 24.44 18.87
C ARG B 48 -31.61 23.10 19.55
N GLY B 49 -31.96 23.13 20.84
CA GLY B 49 -32.13 21.94 21.65
C GLY B 49 -33.08 22.20 22.79
N ARG B 50 -32.54 22.18 24.00
CA ARG B 50 -33.25 21.90 25.26
C ARG B 50 -34.77 22.06 25.28
N LYS B 51 -35.35 23.09 24.64
CA LYS B 51 -36.81 23.07 24.44
C LYS B 51 -37.21 22.33 23.15
N THR B 52 -36.86 21.06 23.06
CA THR B 52 -37.21 20.23 21.92
C THR B 52 -38.35 19.28 22.27
N THR B 53 -39.58 19.72 22.02
CA THR B 53 -40.70 18.80 22.11
C THR B 53 -40.82 18.18 20.74
N GLN B 54 -39.89 18.61 19.87
CA GLN B 54 -39.79 18.13 18.50
C GLN B 54 -40.96 18.57 17.62
N SER B 55 -42.11 18.84 18.25
CA SER B 55 -43.29 19.29 17.51
C SER B 55 -43.16 20.75 17.10
N GLU B 56 -42.40 21.51 17.89
CA GLU B 56 -42.05 22.87 17.53
C GLU B 56 -40.87 22.82 16.58
N MET B 57 -39.99 21.84 16.78
CA MET B 57 -38.83 21.65 15.91
C MET B 57 -39.28 21.37 14.47
N LEU B 58 -40.41 20.69 14.33
CA LEU B 58 -40.99 20.49 13.02
C LEU B 58 -41.53 21.84 12.57
N ASP B 59 -42.11 22.59 13.50
CA ASP B 59 -42.70 23.89 13.19
C ASP B 59 -41.66 24.84 12.60
N THR B 60 -40.44 24.81 13.14
CA THR B 60 -39.35 25.60 12.59
C THR B 60 -39.07 25.16 11.16
N ALA B 61 -39.08 23.84 10.96
CA ALA B 61 -38.80 23.25 9.65
C ALA B 61 -39.89 23.60 8.65
N GLU B 62 -41.13 23.60 9.12
CA GLU B 62 -42.27 24.08 8.35
C GLU B 62 -42.05 25.54 7.99
N LYS B 63 -41.68 26.35 8.97
CA LYS B 63 -41.50 27.79 8.75
C LYS B 63 -40.42 28.06 7.69
N LEU B 64 -39.30 27.37 7.87
CA LEU B 64 -38.13 27.48 7.01
C LEU B 64 -38.40 27.12 5.55
N SER B 65 -39.34 26.20 5.35
CA SER B 65 -39.64 25.66 4.03
C SER B 65 -40.26 26.72 3.16
N LYS B 66 -40.96 27.67 3.78
CA LYS B 66 -41.59 28.79 3.06
C LYS B 66 -40.53 29.77 2.56
N LEU B 67 -39.33 29.67 3.11
CA LEU B 67 -38.25 30.55 2.72
C LEU B 67 -37.29 29.84 1.76
N ILE B 68 -36.89 28.62 2.08
CA ILE B 68 -35.94 27.89 1.21
C ILE B 68 -36.54 26.72 0.40
N LYS B 69 -35.95 26.44 -0.76
CA LYS B 69 -36.24 25.19 -1.48
C LYS B 69 -35.09 24.21 -1.26
N MET B 70 -35.42 22.93 -1.25
CA MET B 70 -34.48 21.87 -0.92
C MET B 70 -34.50 20.76 -1.97
N ASP B 71 -33.29 20.34 -2.42
CA ASP B 71 -33.08 19.10 -3.17
C ASP B 71 -33.49 17.98 -2.23
N THR B 72 -34.29 17.02 -2.70
CA THR B 72 -34.77 15.95 -1.82
C THR B 72 -33.99 14.64 -1.89
N LYS B 73 -32.73 14.70 -2.35
CA LYS B 73 -31.96 13.49 -2.61
C LYS B 73 -31.76 12.70 -1.34
N LYS B 74 -31.64 13.39 -0.22
CA LYS B 74 -31.03 12.80 0.97
C LYS B 74 -32.03 12.11 1.90
N ILE B 75 -33.32 12.23 1.57
CA ILE B 75 -34.39 11.63 2.36
C ILE B 75 -34.39 10.10 2.30
N THR B 76 -34.19 9.46 3.45
CA THR B 76 -34.22 8.00 3.51
C THR B 76 -35.64 7.45 3.64
N GLU B 77 -35.78 6.15 3.44
CA GLU B 77 -37.07 5.47 3.61
C GLU B 77 -37.53 5.60 5.04
N ARG B 78 -36.59 5.48 5.99
CA ARG B 78 -36.93 5.60 7.41
C ARG B 78 -37.42 7.00 7.74
N ASP B 79 -36.67 8.01 7.29
CA ASP B 79 -37.10 9.41 7.33
C ASP B 79 -38.59 9.48 7.03
N LYS B 80 -38.96 8.90 5.90
CA LYS B 80 -40.33 8.93 5.41
C LYS B 80 -41.31 8.19 6.31
N LYS B 81 -40.89 7.07 6.88
CA LYS B 81 -41.80 6.28 7.69
C LYS B 81 -42.09 6.96 9.01
N ASP B 82 -41.05 7.47 9.66
CA ASP B 82 -41.23 8.27 10.87
C ASP B 82 -42.10 9.49 10.63
N PHE B 83 -41.90 10.14 9.49
CA PHE B 83 -42.62 11.34 9.18
C PHE B 83 -44.06 11.00 8.86
N TRP B 84 -44.25 9.94 8.09
CA TRP B 84 -45.60 9.51 7.74
C TRP B 84 -46.40 9.22 9.01
N ILE B 85 -45.77 8.51 9.95
CA ILE B 85 -46.43 8.17 11.21
C ILE B 85 -46.87 9.44 11.93
N GLN B 86 -45.93 10.38 12.07
CA GLN B 86 -46.25 11.65 12.68
C GLN B 86 -47.36 12.39 11.93
N LEU B 87 -47.35 12.32 10.60
CA LEU B 87 -48.37 13.02 9.81
C LEU B 87 -49.75 12.36 9.88
N HIS B 88 -49.78 11.05 10.14
CA HIS B 88 -51.04 10.31 10.16
C HIS B 88 -51.21 9.32 11.30
N PRO B 89 -51.34 9.80 12.55
CA PRO B 89 -51.54 8.90 13.69
C PRO B 89 -52.91 8.23 13.53
N LYS B 90 -53.77 8.96 12.84
CA LYS B 90 -55.00 8.47 12.28
C LYS B 90 -54.75 7.15 11.56
N LYS B 91 -54.07 7.25 10.41
CA LYS B 91 -53.91 6.13 9.49
C LYS B 91 -53.13 4.93 10.06
N ALA B 92 -52.13 5.21 10.90
CA ALA B 92 -51.23 4.18 11.43
C ALA B 92 -51.89 3.35 12.50
N LYS B 93 -52.58 4.00 13.43
CA LYS B 93 -53.26 3.34 14.54
C LYS B 93 -54.36 2.38 14.05
N ALA B 94 -54.83 2.64 12.83
CA ALA B 94 -55.80 1.78 12.16
C ALA B 94 -55.17 0.50 11.62
N MET B 95 -53.84 0.45 11.60
CA MET B 95 -53.13 -0.73 11.14
C MET B 95 -52.60 -1.48 12.33
N MET B 96 -52.80 -0.95 13.52
CA MET B 96 -52.18 -1.52 14.70
C MET B 96 -53.17 -1.97 15.77
N THR B 97 -54.42 -2.26 15.37
CA THR B 97 -55.46 -2.64 16.34
C THR B 97 -55.17 -3.92 17.12
N LYS B 98 -54.47 -4.88 16.52
CA LYS B 98 -54.17 -6.12 17.26
C LYS B 98 -53.13 -5.80 18.30
N GLU B 99 -52.17 -4.98 17.92
CA GLU B 99 -51.05 -4.62 18.78
C GLU B 99 -51.42 -3.55 19.79
N GLN B 100 -52.49 -2.82 19.49
CA GLN B 100 -53.01 -1.85 20.44
C GLN B 100 -53.42 -2.57 21.70
N ALA B 101 -54.25 -3.59 21.52
CA ALA B 101 -54.75 -4.41 22.61
C ALA B 101 -53.64 -5.03 23.43
N MET B 102 -52.68 -5.68 22.75
CA MET B 102 -51.56 -6.37 23.40
C MET B 102 -50.73 -5.47 24.33
N LEU B 103 -50.58 -4.20 23.95
CA LEU B 103 -49.91 -3.24 24.82
C LEU B 103 -50.72 -3.05 26.09
N ALA B 104 -52.04 -2.93 25.96
CA ALA B 104 -52.94 -2.82 27.11
C ALA B 104 -53.20 -4.14 27.82
N ASP B 105 -53.20 -5.23 27.06
CA ASP B 105 -53.29 -6.58 27.61
C ASP B 105 -52.03 -6.82 28.45
N GLY B 106 -50.93 -6.18 28.06
CA GLY B 106 -49.70 -6.26 28.81
C GLY B 106 -48.69 -7.10 28.05
N SER B 107 -49.20 -7.93 27.15
CA SER B 107 -48.39 -8.89 26.42
C SER B 107 -47.30 -8.28 25.54
N ILE B 108 -47.44 -6.99 25.21
CA ILE B 108 -46.47 -6.30 24.33
C ILE B 108 -46.08 -4.92 24.88
N LYS B 109 -44.82 -4.51 24.67
CA LYS B 109 -44.36 -3.20 25.14
C LYS B 109 -44.11 -2.19 24.00
N GLN B 110 -44.18 -0.90 24.34
CA GLN B 110 -44.10 0.18 23.34
C GLN B 110 -43.03 0.03 22.27
N ASP B 111 -41.83 -0.44 22.65
CA ASP B 111 -40.76 -0.62 21.68
C ASP B 111 -41.13 -1.63 20.60
N GLN B 112 -41.66 -2.77 21.02
CA GLN B 112 -42.18 -3.78 20.09
C GLN B 112 -43.29 -3.19 19.20
N TYR B 113 -44.12 -2.34 19.81
CA TYR B 113 -45.23 -1.72 19.10
C TYR B 113 -44.70 -0.88 17.95
N ASP B 114 -43.74 -0.01 18.27
CA ASP B 114 -43.13 0.89 17.29
C ASP B 114 -42.36 0.11 16.25
N LYS B 115 -41.73 -0.97 16.68
CA LYS B 115 -41.03 -1.85 15.76
C LYS B 115 -41.99 -2.51 14.78
N GLN B 116 -43.16 -2.91 15.25
CA GLN B 116 -44.11 -3.59 14.36
C GLN B 116 -44.76 -2.61 13.38
N LEU B 117 -45.11 -1.43 13.87
CA LEU B 117 -45.59 -0.36 13.03
C LEU B 117 -44.68 -0.10 11.84
N LEU B 118 -43.39 0.07 12.12
CA LEU B 118 -42.40 0.30 11.06
C LEU B 118 -42.41 -0.78 9.96
N SER B 119 -42.60 -2.06 10.31
CA SER B 119 -42.66 -3.12 9.30
C SER B 119 -43.92 -3.06 8.43
N LYS B 120 -45.02 -2.59 8.99
CA LYS B 120 -46.34 -2.57 8.32
C LYS B 120 -46.52 -1.42 7.33
N ILE B 121 -45.79 -0.34 7.56
CA ILE B 121 -45.77 0.81 6.66
C ILE B 121 -44.97 0.45 5.40
N ARG B 122 -45.65 0.32 4.25
CA ARG B 122 -44.95 0.05 2.99
C ARG B 122 -44.77 1.31 2.12
N LYS B 123 -44.09 1.16 0.99
CA LYS B 123 -43.70 2.31 0.20
C LYS B 123 -44.90 2.92 -0.50
N SER B 124 -45.96 2.13 -0.67
CA SER B 124 -47.19 2.60 -1.31
C SER B 124 -47.83 3.73 -0.53
N GLN B 125 -47.78 3.61 0.79
CA GLN B 125 -48.33 4.64 1.64
C GLN B 125 -47.34 5.75 1.88
N LEU B 126 -46.05 5.43 1.74
CA LEU B 126 -45.01 6.46 1.80
C LEU B 126 -45.20 7.47 0.66
N ASP B 127 -45.75 7.00 -0.45
CA ASP B 127 -46.13 7.84 -1.57
C ASP B 127 -47.28 8.81 -1.24
N GLU B 128 -47.96 8.58 -0.12
CA GLU B 128 -49.00 9.49 0.33
C GLU B 128 -48.39 10.81 0.82
N LEU B 129 -47.06 10.85 0.93
CA LEU B 129 -46.39 12.10 1.31
C LEU B 129 -46.45 13.12 0.17
N SER B 130 -46.75 14.37 0.50
CA SER B 130 -46.85 15.43 -0.50
C SER B 130 -45.48 16.03 -0.81
N SER B 131 -45.34 16.62 -2.00
CA SER B 131 -44.09 17.24 -2.40
C SER B 131 -43.64 18.30 -1.38
N LYS B 132 -44.61 18.96 -0.76
CA LYS B 132 -44.32 19.96 0.27
C LYS B 132 -43.92 19.28 1.57
N ASP B 133 -44.58 18.17 1.89
CA ASP B 133 -44.17 17.34 3.02
C ASP B 133 -42.72 16.92 2.87
N LEU B 134 -42.37 16.41 1.69
CA LEU B 134 -41.01 15.99 1.39
C LEU B 134 -40.05 17.16 1.39
N GLN B 135 -40.58 18.38 1.38
CA GLN B 135 -39.74 19.57 1.54
C GLN B 135 -39.50 19.90 3.03
N VAL B 136 -40.56 19.84 3.83
CA VAL B 136 -40.42 20.05 5.27
C VAL B 136 -39.48 18.99 5.83
N LEU B 137 -39.76 17.73 5.53
CA LEU B 137 -38.93 16.59 5.91
C LEU B 137 -37.43 16.73 5.57
N ALA B 138 -37.12 17.16 4.34
CA ALA B 138 -35.72 17.30 3.91
C ALA B 138 -34.96 18.20 4.88
N ILE B 139 -35.63 19.29 5.27
CA ILE B 139 -35.14 20.22 6.28
C ILE B 139 -35.11 19.56 7.66
N PHE B 140 -36.26 19.04 8.07
CA PHE B 140 -36.42 18.35 9.35
C PHE B 140 -35.31 17.34 9.65
N ARG B 141 -35.08 16.41 8.73
CA ARG B 141 -34.06 15.38 8.98
C ARG B 141 -32.70 15.96 9.31
N GLU B 142 -32.37 17.12 8.74
CA GLU B 142 -31.09 17.72 9.01
C GLU B 142 -31.09 18.19 10.46
N MET B 143 -32.18 18.84 10.85
CA MET B 143 -32.30 19.39 12.21
C MET B 143 -32.58 18.33 13.28
N ASN B 144 -32.73 17.08 12.88
CA ASN B 144 -32.83 15.98 13.84
C ASN B 144 -31.61 15.04 13.85
N ALA B 145 -30.47 15.53 13.38
CA ALA B 145 -29.20 14.91 13.71
C ALA B 145 -28.64 15.80 14.81
N GLY B 146 -29.52 16.64 15.33
CA GLY B 146 -29.17 17.73 16.20
C GLY B 146 -28.92 17.34 17.63
N THR B 147 -27.66 17.38 18.01
CA THR B 147 -27.27 17.40 19.41
C THR B 147 -27.76 18.73 19.98
N VAL B 148 -28.27 18.71 21.22
CA VAL B 148 -29.02 19.85 21.79
C VAL B 148 -28.38 21.23 21.56
N LEU B 149 -27.18 21.45 22.09
CA LEU B 149 -26.46 22.71 21.85
C LEU B 149 -25.34 22.52 20.84
N ASP B 150 -25.71 22.18 19.60
CA ASP B 150 -24.74 22.03 18.52
C ASP B 150 -25.39 22.23 17.15
N PRO B 151 -24.80 23.11 16.33
CA PRO B 151 -25.32 23.55 15.04
C PRO B 151 -25.23 22.49 13.94
N GLN B 152 -26.36 22.20 13.28
CA GLN B 152 -26.35 21.32 12.12
C GLN B 152 -26.69 22.11 10.85
N MET B 153 -26.18 21.64 9.71
CA MET B 153 -26.38 22.29 8.42
C MET B 153 -27.72 22.00 7.74
N ILE B 154 -28.48 23.04 7.37
CA ILE B 154 -29.72 22.83 6.61
C ILE B 154 -29.51 22.97 5.10
N LYS B 155 -29.04 24.14 4.68
CA LYS B 155 -28.90 24.43 3.26
C LYS B 155 -27.68 25.29 2.98
N ASN B 156 -27.06 25.03 1.83
CA ASN B 156 -26.07 25.92 1.24
C ASN B 156 -26.73 26.58 0.04
N GLU B 157 -26.92 27.88 0.11
CA GLU B 157 -27.76 28.51 -0.88
C GLU B 157 -27.06 29.63 -1.61
N ASP B 158 -26.91 29.44 -2.93
CA ASP B 158 -26.28 30.44 -3.77
C ASP B 158 -27.11 31.71 -3.73
N VAL B 159 -26.80 32.55 -2.76
CA VAL B 159 -27.33 33.90 -2.72
C VAL B 159 -26.22 34.91 -2.95
N SER B 160 -26.60 36.04 -3.55
CA SER B 160 -25.67 37.09 -3.89
C SER B 160 -25.02 37.74 -2.67
N GLU B 161 -24.04 38.58 -2.93
CA GLU B 161 -23.45 39.41 -1.90
C GLU B 161 -24.50 40.35 -1.31
N LYS B 162 -25.47 40.75 -2.14
CA LYS B 162 -26.37 41.85 -1.76
C LYS B 162 -27.84 41.46 -1.60
N GLU B 163 -28.11 40.18 -1.40
CA GLU B 163 -29.45 39.75 -1.05
C GLU B 163 -29.40 38.84 0.16
N TYR B 164 -28.17 38.57 0.58
CA TYR B 164 -27.90 37.88 1.83
C TYR B 164 -28.57 38.67 2.94
N ALA B 165 -28.49 39.99 2.83
CA ALA B 165 -29.06 40.90 3.82
C ALA B 165 -30.58 40.76 3.95
N ALA B 166 -31.26 40.81 2.81
CA ALA B 166 -32.71 40.70 2.81
C ALA B 166 -33.13 39.48 3.60
N VAL B 167 -32.44 38.37 3.38
CA VAL B 167 -32.85 37.08 3.92
C VAL B 167 -32.16 36.71 5.25
N SER B 168 -31.08 37.41 5.58
CA SER B 168 -30.34 37.22 6.84
C SER B 168 -31.23 37.34 8.09
N GLN B 169 -32.39 37.99 7.92
CA GLN B 169 -33.44 38.09 8.94
C GLN B 169 -33.67 36.86 9.81
N GLN B 170 -33.96 35.72 9.17
CA GLN B 170 -34.28 34.44 9.82
C GLN B 170 -33.29 34.00 10.89
N LEU B 171 -33.19 34.81 11.96
CA LEU B 171 -32.16 34.65 12.97
C LEU B 171 -32.73 34.97 14.36
N SER B 172 -32.97 33.92 15.16
CA SER B 172 -33.69 34.05 16.45
C SER B 172 -35.08 34.68 16.23
N LYS B 173 -35.68 34.39 15.07
CA LYS B 173 -37.05 34.77 14.75
C LYS B 173 -37.75 33.54 14.15
N LEU B 174 -36.95 32.68 13.50
CA LEU B 174 -37.14 31.23 13.57
C LEU B 174 -36.03 30.86 14.52
N PRO B 175 -36.32 30.02 15.53
CA PRO B 175 -35.42 29.89 16.68
C PRO B 175 -33.98 29.55 16.35
N GLY B 176 -33.74 28.27 16.05
CA GLY B 176 -32.38 27.77 16.00
C GLY B 176 -31.53 28.24 14.85
N VAL B 177 -32.14 28.93 13.89
CA VAL B 177 -31.45 29.22 12.64
C VAL B 177 -30.35 30.30 12.74
N ASN B 178 -29.14 29.90 12.37
CA ASN B 178 -28.03 30.82 12.16
C ASN B 178 -27.64 30.85 10.68
N THR B 179 -27.29 32.02 10.18
CA THR B 179 -26.89 32.15 8.79
C THR B 179 -25.43 32.63 8.73
N SER B 180 -24.75 32.35 7.63
CA SER B 180 -23.35 32.78 7.51
C SER B 180 -22.86 32.67 6.06
N MET B 181 -21.83 33.45 5.72
CA MET B 181 -21.33 33.46 4.36
C MET B 181 -20.01 32.68 4.19
N ASP B 182 -20.01 31.71 3.29
CA ASP B 182 -18.81 30.89 3.12
C ASP B 182 -18.40 30.68 1.66
N TRP B 183 -17.10 30.53 1.43
CA TRP B 183 -16.63 30.16 0.10
C TRP B 183 -16.75 28.66 -0.09
N ASP B 184 -17.49 28.23 -1.12
CA ASP B 184 -17.65 26.81 -1.43
C ASP B 184 -17.31 26.48 -2.87
N ARG B 185 -16.95 25.23 -3.14
CA ARG B 185 -16.51 24.86 -4.46
C ARG B 185 -17.68 24.61 -5.40
N LYS B 186 -17.43 24.78 -6.69
CA LYS B 186 -18.45 24.64 -7.71
C LYS B 186 -17.92 23.63 -8.73
N TYR B 187 -18.81 22.78 -9.25
CA TYR B 187 -18.39 21.71 -10.15
C TYR B 187 -19.24 21.69 -11.42
N PRO B 188 -18.75 22.34 -12.46
CA PRO B 188 -19.50 22.50 -13.72
C PRO B 188 -19.43 21.28 -14.62
N TYR B 189 -18.87 20.20 -14.11
CA TYR B 189 -18.94 18.91 -14.79
C TYR B 189 -19.51 17.86 -13.85
N GLY B 190 -20.23 18.35 -12.84
CA GLY B 190 -20.96 17.49 -11.92
C GLY B 190 -20.06 16.56 -11.15
N ASP B 191 -20.27 15.26 -11.32
CA ASP B 191 -19.57 14.29 -10.49
C ASP B 191 -18.35 13.67 -11.19
N THR B 192 -17.86 14.35 -12.21
CA THR B 192 -17.09 13.64 -13.24
C THR B 192 -15.64 13.36 -12.89
N LEU B 193 -15.13 13.98 -11.84
CA LEU B 193 -13.80 13.59 -11.37
C LEU B 193 -13.65 13.86 -9.89
N ARG B 194 -14.80 13.98 -9.24
CA ARG B 194 -14.91 14.46 -7.86
C ARG B 194 -13.94 13.87 -6.84
N GLY B 195 -13.78 12.55 -6.90
CA GLY B 195 -12.83 11.85 -6.05
C GLY B 195 -11.42 12.37 -6.26
N ILE B 196 -10.98 12.37 -7.51
CA ILE B 196 -9.65 12.91 -7.86
C ILE B 196 -9.45 14.36 -7.41
N PHE B 197 -10.38 15.24 -7.77
CA PHE B 197 -10.36 16.63 -7.28
C PHE B 197 -10.18 16.69 -5.76
N GLY B 198 -11.04 15.95 -5.06
CA GLY B 198 -10.98 15.87 -3.61
C GLY B 198 -11.91 16.88 -2.95
N ASP B 199 -11.76 17.07 -1.63
CA ASP B 199 -12.60 17.99 -0.88
C ASP B 199 -11.77 18.90 -0.01
N VAL B 200 -12.32 20.08 0.24
CA VAL B 200 -11.78 20.97 1.25
C VAL B 200 -12.72 20.97 2.45
N SER B 201 -12.16 21.18 3.63
CA SER B 201 -12.91 20.98 4.86
C SER B 201 -14.00 22.03 5.09
N THR B 202 -15.05 21.63 5.82
CA THR B 202 -16.11 22.53 6.26
C THR B 202 -15.55 23.68 7.08
N PRO B 203 -16.22 24.85 7.02
CA PRO B 203 -15.95 25.96 7.94
C PRO B 203 -16.20 25.54 9.38
N ALA B 204 -17.03 24.53 9.58
CA ALA B 204 -17.25 23.95 10.91
C ALA B 204 -16.01 23.22 11.44
N GLU B 205 -15.56 22.23 10.70
CA GLU B 205 -14.45 21.40 11.10
C GLU B 205 -13.06 22.06 11.14
N GLY B 206 -12.84 23.16 10.41
CA GLY B 206 -11.49 23.71 10.22
C GLY B 206 -10.53 22.61 9.74
N ILE B 207 -9.32 22.53 10.29
CA ILE B 207 -8.48 21.35 10.03
C ILE B 207 -9.13 20.09 10.61
N PRO B 208 -9.29 19.03 9.78
CA PRO B 208 -9.87 17.78 10.29
C PRO B 208 -8.97 17.14 11.34
N LYS B 209 -9.59 16.52 12.36
CA LYS B 209 -8.86 15.94 13.47
C LYS B 209 -7.69 15.08 13.02
N GLU B 210 -7.97 14.06 12.20
CA GLU B 210 -6.93 13.17 11.67
C GLU B 210 -5.74 13.89 11.06
N LEU B 211 -5.95 15.10 10.55
CA LEU B 211 -4.90 15.86 9.86
C LEU B 211 -4.18 16.92 10.69
N THR B 212 -4.47 16.95 12.00
CA THR B 212 -4.09 18.08 12.85
C THR B 212 -2.64 18.51 12.75
N GLU B 213 -1.73 17.56 12.98
CA GLU B 213 -0.33 17.90 13.07
C GLU B 213 0.20 18.20 11.68
N HIS B 214 -0.31 17.49 10.70
CA HIS B 214 0.10 17.68 9.32
C HIS B 214 -0.07 19.11 8.89
N TYR B 215 -1.15 19.74 9.31
CA TYR B 215 -1.43 21.12 8.96
C TYR B 215 -0.94 22.16 9.97
N LEU B 216 -0.91 21.78 11.25
CA LEU B 216 -0.36 22.65 12.30
C LEU B 216 1.16 22.80 12.15
N SER B 217 1.79 21.79 11.54
CA SER B 217 3.22 21.86 11.32
C SER B 217 3.51 22.84 10.20
N LYS B 218 2.46 23.20 9.47
CA LYS B 218 2.58 24.15 8.36
C LYS B 218 2.15 25.58 8.73
N GLY B 219 1.82 25.80 10.00
CA GLY B 219 1.57 27.14 10.50
C GLY B 219 0.10 27.51 10.44
N TYR B 220 -0.74 26.56 10.02
CA TYR B 220 -2.18 26.80 10.01
C TYR B 220 -2.72 26.93 11.43
N SER B 221 -3.78 27.72 11.59
CA SER B 221 -4.56 27.65 12.81
C SER B 221 -5.54 26.49 12.66
N ARG B 222 -6.13 26.05 13.78
CA ARG B 222 -7.06 24.93 13.74
C ARG B 222 -8.37 25.32 13.07
N ASN B 223 -8.65 26.62 12.96
CA ASN B 223 -9.90 27.14 12.37
C ASN B 223 -9.90 27.23 10.84
N ASP B 224 -8.69 27.11 10.28
CA ASP B 224 -8.47 27.14 8.84
C ASP B 224 -9.19 26.01 8.11
N ARG B 225 -9.93 26.37 7.05
CA ARG B 225 -10.33 25.39 6.07
C ARG B 225 -9.09 24.92 5.28
N VAL B 226 -8.98 23.61 5.06
CA VAL B 226 -7.85 23.07 4.30
C VAL B 226 -8.28 21.99 3.30
N GLY B 227 -7.36 21.68 2.39
CA GLY B 227 -7.55 20.57 1.44
C GLY B 227 -7.41 19.27 2.20
N LYS B 228 -8.44 18.43 2.15
CA LYS B 228 -8.43 17.20 2.95
C LYS B 228 -8.43 15.87 2.12
N SER B 229 -9.10 15.84 0.98
CA SER B 229 -8.93 14.68 0.13
C SER B 229 -8.14 15.05 -1.11
N TYR B 230 -7.48 14.04 -1.67
CA TYR B 230 -6.81 14.12 -2.98
C TYR B 230 -6.26 15.47 -3.46
N LEU B 231 -6.49 15.80 -4.74
CA LEU B 231 -5.94 17.02 -5.33
C LEU B 231 -6.06 18.27 -4.43
N GLU B 232 -7.24 18.53 -3.87
CA GLU B 232 -7.34 19.57 -2.82
C GLU B 232 -6.26 19.50 -1.70
N TYR B 233 -5.97 18.29 -1.25
CA TYR B 233 -4.94 18.08 -0.25
C TYR B 233 -3.55 18.18 -0.87
N GLN B 234 -3.41 17.64 -2.08
CA GLN B 234 -2.11 17.51 -2.72
C GLN B 234 -1.49 18.83 -3.11
N TYR B 235 -2.31 19.68 -3.72
CA TYR B 235 -1.86 20.99 -4.15
C TYR B 235 -2.33 22.11 -3.23
N GLU B 236 -2.48 21.77 -1.93
CA GLU B 236 -2.95 22.75 -0.94
C GLU B 236 -2.10 24.01 -0.93
N ASP B 237 -0.79 23.83 -0.97
CA ASP B 237 0.16 24.95 -1.00
C ASP B 237 -0.16 25.95 -2.12
N VAL B 238 -0.45 25.44 -3.33
CA VAL B 238 -0.76 26.32 -4.46
C VAL B 238 -2.22 26.77 -4.46
N LEU B 239 -3.14 25.86 -4.21
CA LEU B 239 -4.57 26.17 -4.37
C LEU B 239 -5.16 27.17 -3.35
N ARG B 240 -4.67 27.12 -2.12
CA ARG B 240 -5.17 28.00 -1.09
C ARG B 240 -4.78 29.42 -1.43
N GLY B 241 -5.63 30.36 -1.02
CA GLY B 241 -5.29 31.77 -1.09
C GLY B 241 -4.81 32.33 0.24
N LYS B 242 -4.11 33.48 0.17
CA LYS B 242 -3.67 34.26 1.32
C LYS B 242 -4.85 35.08 1.87
N LYS B 243 -5.13 34.98 3.17
CA LYS B 243 -6.23 35.74 3.78
C LYS B 243 -6.03 37.27 3.74
N LYS B 244 -7.14 37.99 3.79
CA LYS B 244 -7.09 39.44 4.03
C LYS B 244 -7.05 39.68 5.54
N GLU B 245 -6.09 40.47 5.99
CA GLU B 245 -5.89 40.70 7.41
C GLU B 245 -5.95 42.19 7.73
N MET B 246 -6.98 42.58 8.48
CA MET B 246 -7.19 43.97 8.89
C MET B 246 -6.84 44.20 10.37
N LYS B 247 -6.43 45.41 10.70
CA LYS B 247 -6.20 45.78 12.09
C LYS B 247 -6.78 47.17 12.45
N TYR B 248 -7.69 47.21 13.40
CA TYR B 248 -8.28 48.49 13.83
C TYR B 248 -7.96 48.86 15.27
N THR B 249 -7.81 50.16 15.51
CA THR B 249 -7.75 50.67 16.86
C THR B 249 -9.07 51.38 17.21
N THR B 250 -9.78 50.83 18.19
CA THR B 250 -10.96 51.49 18.76
C THR B 250 -10.54 52.34 19.96
N ASP B 251 -11.45 53.18 20.44
CA ASP B 251 -11.30 53.71 21.78
C ASP B 251 -12.21 52.91 22.70
N LYS B 252 -12.52 53.44 23.88
CA LYS B 252 -13.42 52.75 24.81
C LYS B 252 -14.80 52.55 24.19
N SER B 253 -15.26 53.52 23.43
CA SER B 253 -16.64 53.53 22.93
C SER B 253 -16.85 52.65 21.70
N GLY B 254 -15.76 52.07 21.22
CA GLY B 254 -15.77 51.21 20.05
C GLY B 254 -15.55 51.91 18.73
N LYS B 255 -15.17 53.18 18.78
CA LYS B 255 -15.03 53.97 17.56
C LYS B 255 -13.65 53.82 16.95
N VAL B 256 -13.62 53.60 15.64
CA VAL B 256 -12.38 53.30 14.93
C VAL B 256 -11.55 54.54 14.71
N THR B 257 -10.41 54.60 15.40
CA THR B 257 -9.54 55.77 15.44
C THR B 257 -8.41 55.68 14.42
N SER B 258 -7.94 54.46 14.18
CA SER B 258 -7.03 54.20 13.08
C SER B 258 -7.31 52.82 12.50
N SER B 259 -6.69 52.51 11.37
CA SER B 259 -6.80 51.18 10.80
C SER B 259 -5.58 50.95 9.94
N GLU B 260 -5.16 49.70 9.82
CA GLU B 260 -4.10 49.37 8.87
C GLU B 260 -4.38 48.03 8.22
N VAL B 261 -3.98 47.89 6.97
CA VAL B 261 -4.17 46.62 6.27
C VAL B 261 -2.84 45.90 6.13
N LEU B 262 -2.82 44.64 6.51
CA LEU B 262 -1.56 43.90 6.61
C LEU B 262 -1.42 43.05 5.38
N ASN B 263 -2.52 42.42 4.98
CA ASN B 263 -2.57 41.78 3.69
C ASN B 263 -3.97 42.00 3.13
N PRO B 264 -4.05 42.36 1.85
CA PRO B 264 -5.34 42.61 1.19
C PRO B 264 -5.93 41.30 0.73
N GLY B 265 -5.12 40.24 0.81
CA GLY B 265 -5.54 38.93 0.36
C GLY B 265 -5.47 38.82 -1.16
N ALA B 266 -5.54 37.57 -1.62
CA ALA B 266 -5.64 37.26 -3.04
C ALA B 266 -6.11 35.83 -3.20
N ARG B 267 -7.01 35.61 -4.16
CA ARG B 267 -7.37 34.26 -4.60
C ARG B 267 -6.12 33.34 -4.72
N GLY B 268 -6.28 32.06 -4.40
CA GLY B 268 -5.18 31.11 -4.54
C GLY B 268 -4.78 30.91 -5.99
N GLN B 269 -3.62 30.29 -6.21
CA GLN B 269 -3.09 30.07 -7.56
C GLN B 269 -3.94 29.07 -8.37
N ASP B 270 -4.04 29.29 -9.68
CA ASP B 270 -4.83 28.39 -10.50
C ASP B 270 -4.05 27.15 -10.93
N LEU B 271 -4.68 25.98 -10.74
CA LEU B 271 -4.10 24.70 -11.13
C LEU B 271 -4.68 24.18 -12.44
N LYS B 272 -3.83 24.05 -13.46
CA LYS B 272 -4.19 23.45 -14.74
C LYS B 272 -3.77 21.98 -14.73
N LEU B 273 -4.75 21.07 -14.89
CA LEU B 273 -4.47 19.63 -14.95
C LEU B 273 -4.17 19.21 -16.36
N THR B 274 -3.50 18.06 -16.48
CA THR B 274 -3.21 17.44 -17.78
C THR B 274 -4.43 16.75 -18.43
N ILE B 275 -5.42 16.41 -17.61
CA ILE B 275 -6.67 15.79 -18.09
C ILE B 275 -7.36 16.56 -19.22
N ASP B 276 -7.77 15.87 -20.29
CA ASP B 276 -8.75 16.45 -21.21
C ASP B 276 -10.15 15.93 -20.84
N ILE B 277 -11.09 16.84 -20.52
CA ILE B 277 -12.36 16.38 -19.96
C ILE B 277 -13.30 15.76 -20.97
N ASP B 278 -13.19 16.16 -22.23
CA ASP B 278 -14.00 15.54 -23.23
C ASP B 278 -13.48 14.13 -23.35
N LEU B 279 -12.16 14.01 -23.36
CA LEU B 279 -11.52 12.71 -23.34
C LEU B 279 -11.89 11.92 -22.09
N GLN B 280 -11.93 12.61 -20.96
CA GLN B 280 -12.32 11.97 -19.70
C GLN B 280 -13.78 11.51 -19.70
N LYS B 281 -14.68 12.40 -20.12
CA LYS B 281 -16.11 12.08 -20.22
C LYS B 281 -16.41 10.95 -21.21
N GLU B 282 -15.59 10.81 -22.24
CA GLU B 282 -15.81 9.77 -23.24
C GLU B 282 -15.52 8.39 -22.66
N VAL B 283 -14.39 8.28 -21.98
CA VAL B 283 -13.95 7.02 -21.39
C VAL B 283 -14.94 6.48 -20.40
N GLU B 284 -15.48 7.34 -19.55
CA GLU B 284 -16.52 6.94 -18.61
C GLU B 284 -17.73 6.40 -19.39
N ALA B 285 -18.21 7.20 -20.33
CA ALA B 285 -19.22 6.76 -21.29
C ALA B 285 -18.87 5.41 -21.92
N LEU B 286 -17.69 5.32 -22.52
CA LEU B 286 -17.28 4.08 -23.16
C LEU B 286 -17.22 2.97 -22.14
N LEU B 287 -16.56 3.24 -21.01
CA LEU B 287 -16.39 2.25 -19.96
C LEU B 287 -17.73 1.73 -19.47
N ASP B 288 -18.72 2.61 -19.47
CA ASP B 288 -20.08 2.29 -19.05
C ASP B 288 -20.69 1.21 -19.96
N LYS B 289 -20.70 1.50 -21.26
CA LYS B 289 -21.29 0.59 -22.22
C LYS B 289 -20.54 -0.72 -22.25
N GLN B 290 -19.24 -0.66 -21.95
CA GLN B 290 -18.41 -1.84 -22.05
C GLN B 290 -18.56 -2.80 -20.86
N ILE B 291 -19.21 -2.36 -19.79
CA ILE B 291 -19.48 -3.28 -18.70
C ILE B 291 -20.91 -3.75 -18.77
N LYS B 292 -21.73 -2.97 -19.47
CA LYS B 292 -23.03 -3.46 -19.87
C LYS B 292 -22.83 -4.52 -20.94
N LYS B 293 -21.86 -4.31 -21.84
CA LYS B 293 -21.54 -5.30 -22.87
C LYS B 293 -20.89 -6.58 -22.29
N LEU B 294 -20.95 -6.72 -20.97
CA LEU B 294 -20.63 -7.97 -20.30
C LEU B 294 -21.73 -8.29 -19.27
N ARG B 295 -22.82 -7.53 -19.31
CA ARG B 295 -24.01 -7.81 -18.50
C ARG B 295 -24.57 -9.11 -18.98
N SER B 296 -24.44 -9.27 -20.29
CA SER B 296 -24.95 -10.42 -21.01
C SER B 296 -24.11 -11.67 -20.72
N GLN B 297 -22.83 -11.62 -21.06
CA GLN B 297 -22.00 -12.83 -21.08
C GLN B 297 -21.60 -13.42 -19.71
N GLY B 298 -22.20 -12.92 -18.64
CA GLY B 298 -22.03 -13.56 -17.35
C GLY B 298 -21.33 -12.79 -16.24
N ALA B 299 -20.62 -11.72 -16.57
CA ALA B 299 -19.92 -10.93 -15.56
C ALA B 299 -20.87 -10.46 -14.45
N LYS B 300 -21.11 -11.38 -13.51
CA LYS B 300 -22.16 -11.25 -12.50
C LYS B 300 -21.65 -10.50 -11.28
N ASP B 301 -20.61 -11.01 -10.62
CA ASP B 301 -19.80 -10.07 -9.86
C ASP B 301 -18.37 -9.90 -10.33
N MET B 302 -18.26 -9.47 -11.60
CA MET B 302 -17.21 -8.52 -11.95
C MET B 302 -17.58 -7.27 -11.16
N ASP B 303 -16.66 -6.83 -10.32
CA ASP B 303 -17.01 -5.83 -9.31
C ASP B 303 -16.10 -4.62 -9.46
N ASN B 304 -15.15 -4.73 -10.38
CA ASN B 304 -14.26 -3.63 -10.69
C ASN B 304 -13.97 -3.56 -12.19
N ALA B 305 -13.86 -2.34 -12.70
CA ALA B 305 -13.42 -2.08 -14.08
C ALA B 305 -12.70 -0.74 -14.11
N MET B 306 -11.46 -0.73 -14.62
CA MET B 306 -10.62 0.47 -14.54
C MET B 306 -9.89 0.82 -15.83
N MET B 307 -9.64 2.11 -16.03
CA MET B 307 -8.83 2.56 -17.18
C MET B 307 -7.96 3.77 -16.86
N VAL B 308 -6.72 3.71 -17.33
CA VAL B 308 -5.76 4.79 -17.18
C VAL B 308 -5.25 5.14 -18.56
N VAL B 309 -5.51 6.36 -19.05
CA VAL B 309 -4.87 6.79 -20.32
C VAL B 309 -3.93 8.03 -20.22
N GLN B 310 -2.79 7.95 -20.93
CA GLN B 310 -1.69 8.90 -20.82
C GLN B 310 -0.69 8.85 -21.98
N ASN B 311 0.48 9.50 -21.79
CA ASN B 311 1.68 9.43 -22.66
C ASN B 311 2.83 10.11 -21.90
N PRO B 312 4.10 9.99 -22.38
CA PRO B 312 5.28 10.71 -21.84
C PRO B 312 5.12 12.22 -21.47
N LYS B 313 5.23 13.04 -22.52
CA LYS B 313 4.83 14.45 -22.53
C LYS B 313 3.49 14.56 -21.88
N ASN B 314 3.15 15.78 -21.51
CA ASN B 314 2.37 16.01 -20.28
C ASN B 314 1.05 15.32 -20.08
N GLY B 315 1.21 14.21 -19.37
CA GLY B 315 0.30 13.80 -18.33
C GLY B 315 -0.58 12.58 -18.40
N ASP B 316 -1.39 12.58 -17.36
CA ASP B 316 -2.55 11.77 -17.24
C ASP B 316 -3.63 12.50 -17.98
N ILE B 317 -3.91 12.06 -19.20
CA ILE B 317 -4.91 12.76 -20.00
C ILE B 317 -6.29 12.20 -19.67
N LEU B 318 -6.32 11.21 -18.78
CA LEU B 318 -7.52 10.41 -18.59
C LEU B 318 -7.43 9.35 -17.48
N ALA B 319 -8.39 9.34 -16.56
CA ALA B 319 -8.32 8.36 -15.48
C ALA B 319 -9.69 7.98 -14.90
N LEU B 320 -10.34 6.96 -15.44
CA LEU B 320 -11.58 6.54 -14.80
C LEU B 320 -11.72 5.05 -14.52
N ALA B 321 -12.23 4.77 -13.33
CA ALA B 321 -12.67 3.45 -12.96
C ALA B 321 -14.03 3.59 -12.28
N GLY B 322 -14.76 2.49 -12.23
CA GLY B 322 -15.97 2.43 -11.45
C GLY B 322 -15.88 1.07 -10.81
N LYS B 323 -16.80 0.78 -9.90
CA LYS B 323 -16.88 -0.55 -9.33
C LYS B 323 -18.34 -0.97 -9.33
N GLN B 324 -18.61 -2.28 -9.30
CA GLN B 324 -19.98 -2.80 -9.40
C GLN B 324 -20.36 -3.72 -8.26
N ILE B 325 -21.66 -3.80 -7.99
CA ILE B 325 -22.20 -4.88 -7.17
C ILE B 325 -23.16 -5.73 -7.96
N ASN B 326 -22.95 -7.05 -7.86
CA ASN B 326 -23.98 -8.04 -8.18
C ASN B 326 -24.66 -7.88 -9.53
N LYS B 327 -24.03 -7.12 -10.42
CA LYS B 327 -24.63 -6.69 -11.68
C LYS B 327 -25.98 -6.06 -11.40
N SER B 328 -26.21 -5.67 -10.14
CA SER B 328 -27.54 -5.29 -9.64
C SER B 328 -27.96 -3.97 -10.25
N GLY B 329 -27.28 -3.61 -11.32
CA GLY B 329 -27.19 -2.25 -11.79
C GLY B 329 -25.90 -1.62 -11.28
N LYS B 330 -25.86 -1.41 -9.96
CA LYS B 330 -25.03 -0.40 -9.33
C LYS B 330 -23.53 -0.29 -9.66
N MET B 331 -23.23 0.73 -10.46
CA MET B 331 -21.90 1.31 -10.58
C MET B 331 -21.75 2.38 -9.50
N THR B 332 -20.54 2.52 -8.93
CA THR B 332 -20.22 3.66 -8.06
C THR B 332 -18.80 4.11 -8.38
N ASP B 333 -18.56 5.41 -8.32
CA ASP B 333 -17.32 6.00 -8.82
C ASP B 333 -16.08 5.52 -8.07
N TYR B 334 -15.09 5.06 -8.84
CA TYR B 334 -13.89 4.47 -8.25
C TYR B 334 -12.66 4.85 -9.04
N ASP B 335 -12.60 6.11 -9.46
CA ASP B 335 -11.46 6.58 -10.22
C ASP B 335 -10.19 6.45 -9.42
N ILE B 336 -10.28 6.73 -8.13
CA ILE B 336 -9.10 6.61 -7.29
C ILE B 336 -8.48 5.19 -7.27
N GLY B 337 -9.31 4.18 -7.58
CA GLY B 337 -8.88 2.80 -7.71
C GLY B 337 -7.70 2.56 -8.63
N THR B 338 -7.58 3.36 -9.69
CA THR B 338 -6.47 3.29 -10.63
C THR B 338 -5.04 3.39 -10.05
N PHE B 339 -4.89 4.01 -8.88
CA PHE B 339 -3.55 4.10 -8.27
C PHE B 339 -3.50 3.69 -6.80
N THR B 340 -4.68 3.46 -6.22
CA THR B 340 -4.76 3.13 -4.80
C THR B 340 -5.01 1.64 -4.60
N SER B 341 -5.44 0.97 -5.65
CA SER B 341 -5.83 -0.43 -5.48
C SER B 341 -4.98 -1.50 -6.20
N GLN B 342 -4.99 -2.69 -5.62
CA GLN B 342 -4.00 -3.73 -5.84
C GLN B 342 -4.61 -4.94 -6.55
N PHE B 343 -4.29 -5.14 -7.83
CA PHE B 343 -4.99 -6.20 -8.57
C PHE B 343 -4.08 -7.22 -9.27
N ALA B 344 -4.34 -8.51 -9.02
CA ALA B 344 -3.63 -9.57 -9.72
C ALA B 344 -3.96 -9.44 -11.21
N VAL B 345 -2.91 -9.50 -12.03
CA VAL B 345 -2.90 -8.84 -13.33
C VAL B 345 -2.55 -9.72 -14.53
N GLY B 346 -1.87 -10.85 -14.29
CA GLY B 346 -1.61 -11.78 -15.37
C GLY B 346 -0.49 -11.43 -16.31
N SER B 347 -0.66 -11.85 -17.56
CA SER B 347 0.46 -12.00 -18.50
C SER B 347 1.09 -10.69 -18.97
N SER B 348 0.44 -9.55 -18.71
CA SER B 348 0.93 -8.26 -19.18
C SER B 348 2.30 -7.91 -18.61
N VAL B 349 2.75 -8.67 -17.63
CA VAL B 349 4.05 -8.49 -17.00
C VAL B 349 5.20 -9.00 -17.90
N LYS B 350 4.85 -9.81 -18.90
CA LYS B 350 5.86 -10.55 -19.67
C LYS B 350 6.90 -9.69 -20.41
N GLY B 351 6.45 -8.56 -20.96
CA GLY B 351 7.36 -7.60 -21.56
C GLY B 351 8.55 -7.30 -20.66
N GLY B 352 8.30 -6.95 -19.40
CA GLY B 352 9.36 -6.66 -18.46
C GLY B 352 10.13 -7.90 -18.02
N THR B 353 9.44 -9.03 -17.89
CA THR B 353 10.11 -10.28 -17.51
C THR B 353 11.11 -10.73 -18.58
N LEU B 354 10.81 -10.43 -19.84
CA LEU B 354 11.67 -10.74 -20.99
C LEU B 354 12.92 -9.84 -21.01
N LEU B 355 12.82 -8.68 -20.36
CA LEU B 355 13.93 -7.74 -20.27
C LEU B 355 14.79 -8.06 -19.03
N ALA B 356 14.16 -8.61 -18.01
CA ALA B 356 14.90 -9.09 -16.85
C ALA B 356 15.75 -10.29 -17.29
N GLY B 357 15.24 -11.01 -18.28
CA GLY B 357 16.00 -12.05 -18.95
C GLY B 357 17.23 -11.51 -19.66
N TYR B 358 17.06 -10.47 -20.46
CA TYR B 358 18.20 -9.86 -21.16
C TYR B 358 19.27 -9.31 -20.21
N GLN B 359 18.82 -8.60 -19.16
CA GLN B 359 19.72 -7.97 -18.20
C GLN B 359 20.62 -8.98 -17.51
N ASN B 360 20.06 -10.13 -17.14
CA ASN B 360 20.84 -11.13 -16.44
C ASN B 360 21.34 -12.21 -17.38
N LYS B 361 21.28 -11.91 -18.67
CA LYS B 361 21.69 -12.85 -19.72
C LYS B 361 21.15 -14.27 -19.53
N ALA B 362 19.90 -14.37 -19.05
CA ALA B 362 19.21 -15.65 -19.00
C ALA B 362 18.65 -16.02 -20.38
N ILE B 363 18.35 -14.99 -21.17
CA ILE B 363 17.99 -15.13 -22.59
C ILE B 363 18.93 -14.29 -23.47
N LYS B 364 18.89 -14.49 -24.79
CA LYS B 364 19.55 -13.59 -25.75
C LYS B 364 18.45 -12.79 -26.45
N VAL B 365 18.83 -11.77 -27.23
CA VAL B 365 17.86 -10.84 -27.83
C VAL B 365 16.81 -11.55 -28.67
N GLY B 366 17.22 -12.65 -29.29
CA GLY B 366 16.28 -13.51 -30.01
C GLY B 366 16.63 -14.91 -29.60
N GLU B 367 15.64 -15.66 -29.15
CA GLU B 367 15.91 -16.96 -28.54
C GLU B 367 14.69 -17.82 -28.68
N THR B 368 14.93 -19.11 -28.89
CA THR B 368 13.97 -19.91 -29.57
C THR B 368 13.47 -21.16 -28.84
N MET B 369 14.02 -21.46 -27.67
CA MET B 369 13.75 -22.76 -27.02
C MET B 369 12.27 -22.94 -26.71
N VAL B 370 11.82 -24.20 -26.75
CA VAL B 370 10.43 -24.56 -27.04
C VAL B 370 9.54 -24.94 -25.84
N ASP B 371 8.22 -24.99 -26.07
CA ASP B 371 7.20 -25.25 -25.03
C ASP B 371 6.73 -26.71 -24.87
N GLU B 372 6.85 -27.21 -23.66
CA GLU B 372 6.35 -28.53 -23.30
C GLU B 372 5.37 -28.39 -22.15
N PRO B 373 4.32 -29.21 -22.15
CA PRO B 373 3.57 -29.37 -20.90
C PRO B 373 4.50 -29.96 -19.83
N LEU B 374 5.30 -29.10 -19.20
CA LEU B 374 6.48 -29.50 -18.44
C LEU B 374 6.26 -29.75 -16.93
N HIS B 375 6.91 -30.80 -16.40
CA HIS B 375 6.66 -31.31 -15.05
C HIS B 375 7.95 -31.44 -14.26
N PHE B 376 7.83 -31.63 -12.95
CA PHE B 376 8.99 -31.56 -12.05
C PHE B 376 9.06 -32.69 -11.06
N GLN B 377 8.16 -32.66 -10.07
CA GLN B 377 8.18 -33.64 -9.01
C GLN B 377 6.85 -33.71 -8.25
N GLY B 378 6.80 -34.55 -7.21
CA GLY B 378 5.57 -34.82 -6.48
C GLY B 378 4.97 -36.11 -6.97
N GLY B 379 4.38 -36.04 -8.16
CA GLY B 379 4.00 -37.22 -8.90
C GLY B 379 3.01 -36.84 -9.99
N LEU B 380 2.81 -35.54 -10.17
CA LEU B 380 1.75 -35.00 -11.01
C LEU B 380 2.03 -33.55 -11.44
N THR B 381 2.67 -32.78 -10.56
CA THR B 381 2.68 -31.31 -10.71
C THR B 381 3.33 -30.76 -11.98
N LYS B 382 2.55 -30.08 -12.82
CA LYS B 382 3.08 -29.56 -14.09
C LYS B 382 2.45 -28.26 -14.56
N ARG B 383 2.46 -28.04 -15.88
CA ARG B 383 2.35 -26.70 -16.41
C ARG B 383 1.39 -26.47 -17.58
N SER B 384 1.77 -25.52 -18.44
CA SER B 384 0.80 -24.62 -19.07
C SER B 384 -0.08 -25.07 -20.19
N TYR B 385 -0.67 -24.07 -20.82
CA TYR B 385 -2.12 -24.03 -21.16
C TYR B 385 -2.85 -25.12 -22.00
N PHE B 386 -2.12 -26.04 -22.64
CA PHE B 386 -2.75 -27.27 -23.16
C PHE B 386 -1.93 -28.50 -22.76
N ASN B 387 -2.63 -29.57 -22.41
CA ASN B 387 -1.91 -30.79 -22.07
C ASN B 387 -1.89 -31.84 -23.17
N LYS B 388 -1.01 -31.58 -24.14
CA LYS B 388 -0.46 -32.54 -25.11
C LYS B 388 0.42 -31.79 -26.14
N ASN B 389 -0.13 -30.71 -26.69
CA ASN B 389 0.52 -29.98 -27.79
C ASN B 389 1.95 -29.51 -27.54
N GLY B 390 2.90 -30.45 -27.52
CA GLY B 390 4.32 -30.14 -27.41
C GLY B 390 4.83 -29.20 -28.50
N HIS B 391 4.49 -27.92 -28.38
CA HIS B 391 4.75 -26.94 -29.43
C HIS B 391 6.17 -26.35 -29.43
N VAL B 392 6.55 -25.82 -30.59
CA VAL B 392 7.96 -25.66 -30.95
C VAL B 392 8.38 -24.23 -31.35
N SER B 393 9.67 -24.10 -31.65
CA SER B 393 10.21 -23.05 -32.52
C SER B 393 10.06 -21.56 -32.15
N ILE B 394 9.30 -21.23 -31.11
CA ILE B 394 8.91 -19.83 -30.88
C ILE B 394 10.04 -18.85 -30.60
N ASN B 395 9.98 -17.72 -31.30
CA ASN B 395 10.81 -16.57 -30.95
C ASN B 395 10.28 -15.99 -29.66
N ASP B 396 11.11 -15.22 -28.95
CA ASP B 396 10.61 -14.46 -27.81
C ASP B 396 9.53 -13.46 -28.26
N LYS B 397 9.82 -12.74 -29.33
CA LYS B 397 8.82 -11.87 -29.94
C LYS B 397 7.57 -12.66 -30.37
N GLN B 398 7.76 -13.95 -30.66
CA GLN B 398 6.64 -14.84 -30.93
C GLN B 398 5.97 -15.29 -29.63
N ALA B 399 6.73 -15.25 -28.53
CA ALA B 399 6.24 -15.69 -27.24
C ALA B 399 5.22 -14.75 -26.63
N LEU B 400 5.35 -13.44 -26.90
CA LEU B 400 4.40 -12.46 -26.38
C LEU B 400 3.19 -12.38 -27.30
N MET B 401 3.38 -12.87 -28.51
CA MET B 401 2.32 -12.88 -29.52
C MET B 401 1.23 -13.87 -29.10
N HIS B 402 1.69 -15.03 -28.68
CA HIS B 402 0.86 -16.12 -28.19
C HIS B 402 0.56 -15.86 -26.74
N SER B 403 1.35 -14.95 -26.15
CA SER B 403 1.46 -14.84 -24.71
C SER B 403 1.84 -16.22 -24.18
N SER B 404 2.97 -16.72 -24.66
CA SER B 404 3.48 -18.05 -24.32
C SER B 404 3.87 -18.14 -22.85
N ASN B 405 2.92 -18.51 -22.00
CA ASN B 405 3.15 -18.56 -20.56
C ASN B 405 3.88 -19.82 -20.16
N VAL B 406 5.05 -20.02 -20.77
CA VAL B 406 5.89 -21.20 -20.57
C VAL B 406 7.31 -20.84 -20.97
N TYR B 407 7.45 -20.04 -22.02
CA TYR B 407 8.71 -19.37 -22.37
C TYR B 407 9.17 -18.57 -21.14
N MET B 408 8.22 -17.93 -20.48
CA MET B 408 8.50 -17.22 -19.23
C MET B 408 8.99 -18.18 -18.14
N PHE B 409 8.29 -19.31 -17.99
CA PHE B 409 8.61 -20.33 -17.00
C PHE B 409 10.02 -20.89 -17.18
N LYS B 410 10.38 -21.15 -18.43
CA LYS B 410 11.73 -21.56 -18.81
C LYS B 410 12.74 -20.46 -18.43
N THR B 411 12.37 -19.22 -18.73
CA THR B 411 13.25 -18.07 -18.54
C THR B 411 13.64 -17.89 -17.07
N ALA B 412 12.63 -17.94 -16.19
CA ALA B 412 12.85 -17.95 -14.74
C ALA B 412 13.94 -18.96 -14.31
N LEU B 413 13.75 -20.23 -14.66
CA LEU B 413 14.71 -21.27 -14.29
C LEU B 413 16.08 -20.96 -14.86
N LYS B 414 16.10 -20.54 -16.13
CA LYS B 414 17.34 -20.18 -16.81
C LYS B 414 17.97 -18.93 -16.19
N LEU B 415 17.19 -18.20 -15.39
CA LEU B 415 17.72 -17.07 -14.64
C LEU B 415 18.11 -17.51 -13.22
N ALA B 416 17.43 -18.53 -12.72
CA ALA B 416 17.76 -19.11 -11.41
C ALA B 416 18.92 -20.10 -11.53
N GLY B 417 19.48 -20.21 -12.72
CA GLY B 417 20.68 -21.00 -12.93
C GLY B 417 20.50 -22.33 -13.65
N ASP B 418 19.39 -23.00 -13.35
CA ASP B 418 19.22 -24.36 -13.87
C ASP B 418 18.03 -24.50 -14.79
N PRO B 419 18.27 -24.38 -16.10
CA PRO B 419 17.23 -24.53 -17.13
C PRO B 419 16.46 -25.84 -16.95
N TYR B 420 15.31 -25.94 -17.61
CA TYR B 420 14.45 -27.11 -17.46
C TYR B 420 15.10 -28.39 -17.97
N TYR B 421 14.91 -29.46 -17.20
CA TYR B 421 15.04 -30.84 -17.69
C TYR B 421 13.87 -31.61 -17.11
N SER B 422 13.17 -32.35 -17.97
CA SER B 422 11.95 -33.02 -17.55
C SER B 422 12.16 -33.95 -16.36
N GLY B 423 11.51 -33.63 -15.25
CA GLY B 423 11.66 -34.40 -14.02
C GLY B 423 12.60 -33.75 -13.03
N MET B 424 12.73 -32.43 -13.14
CA MET B 424 13.71 -31.72 -12.34
C MET B 424 13.19 -31.32 -10.97
N ALA B 425 14.12 -31.12 -10.04
CA ALA B 425 13.80 -30.67 -8.69
C ALA B 425 13.44 -29.19 -8.72
N LEU B 426 12.78 -28.72 -7.67
CA LEU B 426 12.61 -27.29 -7.47
C LEU B 426 13.94 -26.78 -6.95
N PRO B 427 14.31 -25.55 -7.32
CA PRO B 427 15.34 -24.89 -6.51
C PRO B 427 14.78 -24.73 -5.10
N SER B 428 15.61 -24.78 -4.06
CA SER B 428 15.08 -24.65 -2.72
C SER B 428 15.35 -23.28 -2.09
N ASP B 429 16.21 -22.51 -2.73
CA ASP B 429 16.38 -21.10 -2.39
C ASP B 429 16.27 -20.28 -3.67
N ILE B 430 15.25 -19.44 -3.74
CA ILE B 430 15.06 -18.63 -4.93
C ILE B 430 15.12 -17.13 -4.62
N SER B 431 15.73 -16.78 -3.49
CA SER B 431 15.94 -15.38 -3.12
C SER B 431 16.55 -14.60 -4.27
N SER B 432 17.80 -14.93 -4.59
CA SER B 432 18.58 -14.25 -5.62
C SER B 432 17.89 -14.07 -6.98
N PRO B 433 17.36 -15.16 -7.58
CA PRO B 433 16.65 -14.98 -8.87
C PRO B 433 15.36 -14.17 -8.70
N ALA B 434 14.59 -14.43 -7.64
CA ALA B 434 13.42 -13.60 -7.36
C ALA B 434 13.79 -12.11 -7.28
N GLN B 435 14.89 -11.81 -6.59
CA GLN B 435 15.34 -10.43 -6.45
C GLN B 435 15.66 -9.77 -7.80
N LYS B 436 16.41 -10.47 -8.65
CA LYS B 436 16.80 -9.94 -9.96
C LYS B 436 15.59 -9.70 -10.85
N LEU B 437 14.67 -10.65 -10.83
CA LEU B 437 13.41 -10.54 -11.58
C LEU B 437 12.63 -9.31 -11.11
N ARG B 438 12.38 -9.25 -9.81
CA ARG B 438 11.67 -8.12 -9.19
C ARG B 438 12.28 -6.76 -9.51
N ARG B 439 13.62 -6.75 -9.51
CA ARG B 439 14.43 -5.59 -9.88
C ARG B 439 14.06 -5.19 -11.28
N GLY B 440 14.15 -6.18 -12.18
CA GLY B 440 13.79 -6.03 -13.56
C GLY B 440 12.43 -5.40 -13.72
N LEU B 441 11.44 -5.88 -12.97
CA LEU B 441 10.08 -5.32 -13.01
C LEU B 441 10.00 -3.88 -12.50
N ASN B 442 10.70 -3.57 -11.40
CA ASN B 442 10.70 -2.21 -10.87
C ASN B 442 11.16 -1.19 -11.91
N GLN B 443 12.14 -1.59 -12.71
CA GLN B 443 12.68 -0.81 -13.83
C GLN B 443 11.61 -0.18 -14.75
N VAL B 444 10.54 -0.93 -15.01
CA VAL B 444 9.49 -0.45 -15.90
C VAL B 444 8.25 -0.07 -15.12
N GLY B 445 8.38 0.03 -13.80
CA GLY B 445 7.29 0.58 -13.01
C GLY B 445 6.60 -0.47 -12.15
N LEU B 446 6.73 -1.73 -12.55
CA LEU B 446 6.01 -2.83 -11.89
C LEU B 446 6.65 -3.18 -10.55
N GLY B 447 6.08 -2.71 -9.44
CA GLY B 447 6.57 -3.10 -8.12
C GLY B 447 7.11 -1.98 -7.24
N VAL B 448 7.36 -0.82 -7.85
CA VAL B 448 7.61 0.40 -7.10
C VAL B 448 6.40 1.30 -7.33
N LYS B 449 6.37 2.46 -6.67
CA LYS B 449 5.33 3.45 -6.98
C LYS B 449 5.72 4.22 -8.23
N THR B 450 4.72 4.61 -9.02
CA THR B 450 4.94 5.40 -10.24
C THR B 450 5.51 6.80 -9.95
N GLY B 451 5.12 7.39 -8.82
CA GLY B 451 5.59 8.70 -8.42
C GLY B 451 4.55 9.78 -8.72
N ILE B 452 3.31 9.34 -8.94
CA ILE B 452 2.20 10.23 -9.28
C ILE B 452 1.93 11.29 -8.21
N ASP B 453 1.51 12.48 -8.63
CA ASP B 453 1.18 13.61 -7.74
C ASP B 453 -0.23 13.52 -7.10
N LEU B 454 -0.54 12.38 -6.47
CA LEU B 454 -1.77 12.18 -5.67
C LEU B 454 -1.39 11.39 -4.41
N PRO B 455 -2.15 11.56 -3.31
CA PRO B 455 -1.87 10.80 -2.07
C PRO B 455 -2.30 9.34 -2.18
N ASN B 456 -1.69 8.45 -1.39
CA ASN B 456 -2.15 7.06 -1.21
C ASN B 456 -1.95 6.09 -2.36
N GLU B 457 -1.10 6.46 -3.32
CA GLU B 457 -0.61 5.48 -4.28
C GLU B 457 0.03 4.25 -3.57
N THR B 458 -0.37 3.06 -3.98
CA THR B 458 0.13 1.83 -3.40
C THR B 458 1.05 1.13 -4.40
N ARG B 459 2.02 0.40 -3.91
CA ARG B 459 2.97 -0.17 -4.84
C ARG B 459 2.65 -1.61 -5.12
N GLY B 460 1.59 -2.12 -4.51
CA GLY B 460 1.18 -3.51 -4.68
C GLY B 460 1.64 -4.44 -3.59
N GLN B 461 0.88 -5.52 -3.35
CA GLN B 461 1.22 -6.46 -2.29
C GLN B 461 2.39 -7.34 -2.73
N ILE B 462 3.46 -7.32 -1.93
CA ILE B 462 4.74 -7.95 -2.30
C ILE B 462 5.27 -8.86 -1.18
N GLU B 463 4.94 -10.15 -1.29
CA GLU B 463 5.24 -11.13 -0.26
C GLU B 463 6.64 -11.75 -0.45
N PRO B 464 7.15 -12.40 0.61
CA PRO B 464 8.51 -12.98 0.54
C PRO B 464 8.65 -14.07 -0.53
N LEU B 465 9.79 -14.02 -1.20
CA LEU B 465 10.13 -14.98 -2.23
C LEU B 465 11.53 -15.50 -1.95
N THR B 466 11.60 -16.68 -1.37
CA THR B 466 12.86 -17.25 -0.91
C THR B 466 12.90 -18.74 -1.18
N ASN B 467 11.86 -19.43 -0.72
CA ASN B 467 11.85 -20.89 -0.71
C ASN B 467 10.56 -21.55 -1.22
N ASN B 468 9.55 -20.77 -1.57
CA ASN B 468 8.47 -21.32 -2.38
C ASN B 468 8.60 -20.85 -3.83
N PRO B 469 9.36 -21.62 -4.63
CA PRO B 469 9.50 -21.37 -6.07
C PRO B 469 8.24 -21.77 -6.86
N GLY B 470 7.21 -22.28 -6.16
CA GLY B 470 5.89 -22.37 -6.73
C GLY B 470 5.40 -20.97 -7.03
N ASN B 471 5.55 -20.08 -6.05
CA ASN B 471 5.20 -18.67 -6.23
C ASN B 471 6.10 -17.94 -7.23
N TYR B 472 7.38 -18.30 -7.23
CA TYR B 472 8.40 -17.63 -8.06
C TYR B 472 8.11 -17.76 -9.55
N LEU B 473 7.56 -18.89 -9.95
CA LEU B 473 7.15 -19.09 -11.33
C LEU B 473 5.88 -18.28 -11.65
N ASP B 474 4.99 -18.17 -10.67
CA ASP B 474 3.81 -17.33 -10.85
C ASP B 474 4.23 -15.90 -11.19
N LEU B 475 5.28 -15.41 -10.54
CA LEU B 475 5.74 -14.04 -10.75
C LEU B 475 6.15 -13.77 -12.20
N SER B 476 6.81 -14.74 -12.83
CA SER B 476 7.09 -14.64 -14.26
C SER B 476 5.80 -14.40 -15.04
N ILE B 477 4.70 -15.02 -14.59
CA ILE B 477 3.44 -14.90 -15.32
C ILE B 477 2.34 -14.06 -14.64
N GLY B 478 2.76 -13.02 -13.94
CA GLY B 478 1.83 -12.09 -13.31
C GLY B 478 0.78 -12.72 -12.43
N GLN B 479 1.18 -13.69 -11.61
CA GLN B 479 0.25 -14.33 -10.68
C GLN B 479 0.78 -14.51 -9.27
N TYR B 480 1.69 -13.63 -8.84
CA TYR B 480 2.09 -13.60 -7.43
C TYR B 480 2.07 -12.17 -6.87
N ASP B 481 2.32 -11.18 -7.73
CA ASP B 481 2.54 -9.80 -7.25
C ASP B 481 1.65 -8.74 -7.88
N THR B 482 0.68 -8.29 -7.10
CA THR B 482 -0.32 -7.35 -7.55
C THR B 482 0.23 -5.95 -7.87
N TYR B 483 -0.24 -5.40 -8.98
CA TYR B 483 0.10 -4.04 -9.35
C TYR B 483 -1.16 -3.18 -9.36
N THR B 484 -1.00 -1.93 -9.75
CA THR B 484 -2.13 -1.02 -9.95
C THR B 484 -2.32 -0.82 -11.46
N PRO B 485 -3.52 -0.38 -11.88
CA PRO B 485 -3.66 0.06 -13.27
C PRO B 485 -2.63 1.12 -13.66
N LEU B 486 -2.45 2.14 -12.82
CA LEU B 486 -1.40 3.15 -13.08
C LEU B 486 -0.01 2.51 -13.28
N GLN B 487 0.40 1.60 -12.40
CA GLN B 487 1.64 0.84 -12.60
C GLN B 487 1.71 0.17 -14.00
N LEU B 488 0.62 -0.40 -14.51
CA LEU B 488 0.67 -1.00 -15.83
C LEU B 488 0.92 0.08 -16.87
N SER B 489 0.25 1.21 -16.69
CA SER B 489 0.35 2.32 -17.64
C SER B 489 1.77 2.87 -17.73
N GLN B 490 2.38 3.18 -16.58
CA GLN B 490 3.75 3.65 -16.62
C GLN B 490 4.64 2.60 -17.32
N TYR B 491 4.32 1.33 -17.09
CA TYR B 491 5.07 0.22 -17.67
C TYR B 491 4.97 0.09 -19.19
N VAL B 492 3.75 -0.05 -19.72
CA VAL B 492 3.56 -0.04 -21.17
C VAL B 492 4.20 1.21 -21.78
N SER B 493 4.07 2.34 -21.07
CA SER B 493 4.50 3.65 -21.58
C SER B 493 6.02 3.75 -21.58
N THR B 494 6.64 3.04 -20.65
CA THR B 494 8.09 2.92 -20.64
C THR B 494 8.56 2.23 -21.95
N ILE B 495 7.78 1.26 -22.45
CA ILE B 495 8.11 0.61 -23.72
C ILE B 495 7.94 1.54 -24.94
N ALA B 496 6.76 2.17 -25.02
CA ALA B 496 6.50 3.16 -26.03
C ALA B 496 7.62 4.21 -26.10
N ASN B 497 8.09 4.65 -24.94
CA ASN B 497 9.16 5.67 -24.87
C ASN B 497 10.58 5.12 -24.97
N ASP B 498 10.75 4.03 -25.73
CA ASP B 498 12.07 3.42 -25.95
C ASP B 498 12.91 3.19 -24.68
N GLY B 499 12.28 2.63 -23.65
CA GLY B 499 12.97 2.19 -22.45
C GLY B 499 13.06 3.25 -21.38
N TYR B 500 12.33 4.35 -21.61
CA TYR B 500 12.36 5.49 -20.70
C TYR B 500 11.08 5.58 -19.88
N ARG B 501 11.18 5.11 -18.63
CA ARG B 501 10.13 5.24 -17.64
C ARG B 501 9.93 6.72 -17.27
N ILE B 502 8.69 7.20 -17.33
CA ILE B 502 8.35 8.59 -16.98
C ILE B 502 7.49 8.66 -15.72
N GLN B 503 7.68 9.67 -14.89
CA GLN B 503 6.86 9.81 -13.72
C GLN B 503 5.53 10.49 -14.07
N PRO B 504 4.42 9.73 -13.99
CA PRO B 504 3.12 10.35 -14.30
C PRO B 504 2.80 11.51 -13.36
N HIS B 505 2.05 12.46 -13.90
CA HIS B 505 1.66 13.64 -13.17
C HIS B 505 0.34 14.09 -13.77
N ILE B 506 -0.57 14.60 -12.94
CA ILE B 506 -1.91 14.98 -13.40
C ILE B 506 -2.00 16.49 -13.38
N GLY B 507 -1.11 17.11 -12.60
CA GLY B 507 -0.83 18.52 -12.70
C GLY B 507 -0.04 18.88 -13.96
N LEU B 508 -0.57 19.82 -14.74
CA LEU B 508 0.16 20.35 -15.87
C LEU B 508 0.93 21.63 -15.52
N THR B 509 0.22 22.67 -15.07
CA THR B 509 0.83 23.97 -14.81
C THR B 509 0.18 24.76 -13.67
N ILE B 510 1.02 25.37 -12.83
CA ILE B 510 0.58 26.22 -11.73
C ILE B 510 0.62 27.68 -12.21
N HIS B 511 -0.45 28.44 -11.99
CA HIS B 511 -0.45 29.84 -12.44
C HIS B 511 -0.51 30.87 -11.33
N GLU B 512 0.06 32.04 -11.58
CA GLU B 512 0.16 33.08 -10.55
C GLU B 512 -1.21 33.50 -10.05
N SER B 513 -1.28 33.77 -8.75
CA SER B 513 -2.49 34.30 -8.12
C SER B 513 -2.95 35.56 -8.84
N THR B 514 -4.00 35.44 -9.65
CA THR B 514 -4.45 36.57 -10.43
C THR B 514 -5.79 37.05 -9.90
N ASN B 515 -5.87 38.36 -9.66
CA ASN B 515 -7.18 38.93 -9.45
C ASN B 515 -7.75 39.55 -10.71
N LYS B 516 -8.19 38.65 -11.58
CA LYS B 516 -9.34 38.76 -12.50
C LYS B 516 -9.35 37.77 -13.66
N ASP B 517 -10.49 37.09 -13.70
CA ASP B 517 -10.64 35.74 -14.22
C ASP B 517 -10.18 35.46 -15.65
N GLU B 518 -8.86 35.45 -15.82
CA GLU B 518 -8.19 34.68 -16.88
C GLU B 518 -7.07 34.01 -16.14
N VAL B 519 -6.69 32.83 -16.58
CA VAL B 519 -5.63 32.09 -15.90
C VAL B 519 -4.29 32.82 -16.02
N GLY B 520 -3.68 33.09 -14.87
CA GLY B 520 -2.62 34.09 -14.78
C GLY B 520 -1.25 33.72 -15.35
N PRO B 521 -0.22 34.48 -14.95
CA PRO B 521 1.16 34.23 -15.37
C PRO B 521 1.62 32.83 -14.94
N LEU B 522 2.36 32.15 -15.82
CA LEU B 522 2.86 30.82 -15.50
C LEU B 522 3.76 30.91 -14.27
N LYS B 523 3.41 30.20 -13.20
CA LYS B 523 4.28 30.11 -12.03
C LYS B 523 5.19 28.86 -12.07
N LYS B 524 4.61 27.67 -12.22
CA LYS B 524 5.44 26.46 -12.32
C LYS B 524 4.89 25.48 -13.35
N LYS B 525 5.80 24.78 -14.03
CA LYS B 525 5.40 23.71 -14.93
C LYS B 525 5.73 22.36 -14.30
N ILE B 526 4.76 21.45 -14.32
CA ILE B 526 4.91 20.19 -13.62
C ILE B 526 5.37 19.12 -14.60
N ASN B 527 6.60 18.65 -14.44
CA ASN B 527 7.21 17.86 -15.52
C ASN B 527 7.14 16.33 -15.41
N GLY B 528 7.17 15.69 -16.57
CA GLY B 528 7.16 14.24 -16.67
C GLY B 528 8.60 13.79 -16.62
N THR B 529 9.12 13.71 -15.40
CA THR B 529 10.52 13.44 -15.18
C THR B 529 10.84 11.97 -15.51
N VAL B 530 11.84 11.79 -16.38
CA VAL B 530 12.42 10.47 -16.61
C VAL B 530 12.98 9.98 -15.29
N LEU B 531 12.37 8.93 -14.72
CA LEU B 531 12.90 8.29 -13.52
C LEU B 531 14.11 7.43 -13.86
N ASN B 532 14.00 6.67 -14.94
CA ASN B 532 15.11 5.83 -15.37
C ASN B 532 14.90 5.18 -16.72
N LYS B 533 16.00 4.71 -17.26
CA LYS B 533 16.01 3.87 -18.42
C LYS B 533 16.14 2.46 -17.88
N VAL B 534 15.67 1.51 -18.66
CA VAL B 534 15.92 0.13 -18.32
C VAL B 534 17.36 -0.08 -18.76
N ASN B 535 18.19 -0.80 -17.99
CA ASN B 535 19.45 -1.24 -18.61
C ASN B 535 19.19 -2.48 -19.45
N ASN B 536 18.28 -2.27 -20.39
CA ASN B 536 18.04 -3.15 -21.49
C ASN B 536 18.44 -2.35 -22.71
N THR B 537 18.99 -2.99 -23.73
CA THR B 537 19.64 -2.16 -24.72
C THR B 537 18.80 -1.81 -25.95
N GLU B 538 19.42 -1.08 -26.86
CA GLU B 538 18.74 -0.51 -28.01
C GLU B 538 17.89 -1.56 -28.72
N LYS B 539 18.50 -2.68 -29.13
CA LYS B 539 17.77 -3.71 -29.86
C LYS B 539 16.87 -4.57 -28.97
N GLU B 540 17.25 -4.71 -27.70
CA GLU B 540 16.47 -5.50 -26.75
C GLU B 540 15.09 -4.92 -26.39
N ILE B 541 14.95 -3.60 -26.42
CA ILE B 541 13.64 -2.97 -26.19
C ILE B 541 12.75 -3.13 -27.44
N LYS B 542 13.40 -3.06 -28.60
CA LYS B 542 12.71 -3.09 -29.88
C LYS B 542 11.98 -4.42 -30.07
N GLN B 543 12.53 -5.50 -29.53
CA GLN B 543 11.88 -6.80 -29.62
C GLN B 543 10.58 -6.80 -28.84
N ILE B 544 10.65 -6.33 -27.60
CA ILE B 544 9.47 -6.18 -26.75
C ILE B 544 8.42 -5.33 -27.47
N GLN B 545 8.89 -4.32 -28.22
CA GLN B 545 8.00 -3.52 -29.05
C GLN B 545 7.41 -4.35 -30.20
N GLU B 546 8.26 -5.11 -30.89
CA GLU B 546 7.82 -6.01 -31.95
C GLU B 546 6.89 -7.10 -31.41
N GLY B 547 7.31 -7.72 -30.30
CA GLY B 547 6.44 -8.60 -29.57
C GLY B 547 5.07 -7.96 -29.35
N PHE B 548 5.05 -6.75 -28.81
CA PHE B 548 3.80 -6.01 -28.63
C PHE B 548 3.13 -5.78 -29.99
N LYS B 549 3.90 -5.30 -30.96
CA LYS B 549 3.41 -4.99 -32.31
C LYS B 549 2.75 -6.17 -33.01
N MET B 550 3.13 -7.39 -32.59
CA MET B 550 2.65 -8.59 -33.30
C MET B 550 1.61 -9.42 -32.53
N ALA B 551 1.19 -8.97 -31.35
CA ALA B 551 0.03 -9.57 -30.70
C ALA B 551 -1.11 -8.58 -30.79
N PHE B 552 -0.89 -7.53 -31.56
CA PHE B 552 -1.94 -6.58 -31.85
C PHE B 552 -2.23 -6.64 -33.33
N ASN B 553 -1.22 -6.98 -34.13
CA ASN B 553 -1.41 -6.99 -35.58
C ASN B 553 -1.44 -8.38 -36.25
N ASP B 554 -1.54 -9.42 -35.42
CA ASP B 554 -1.98 -10.75 -35.84
C ASP B 554 -2.23 -11.71 -34.69
N LYS B 555 -1.18 -12.07 -33.97
CA LYS B 555 -1.17 -13.33 -33.20
C LYS B 555 -2.27 -13.55 -32.19
N ASP B 556 -2.47 -14.84 -31.94
CA ASP B 556 -3.75 -15.43 -31.59
C ASP B 556 -3.67 -16.40 -30.43
N THR B 558 -2.93 -13.50 -27.82
CA THR B 558 -4.23 -12.82 -27.91
C THR B 558 -4.06 -11.40 -28.49
N GLY B 559 -5.12 -10.59 -28.41
CA GLY B 559 -5.06 -9.20 -28.84
C GLY B 559 -5.68 -8.89 -30.20
N TYR B 560 -5.82 -9.91 -31.04
CA TYR B 560 -6.41 -9.74 -32.37
C TYR B 560 -7.90 -9.54 -32.23
N VAL B 561 -8.48 -10.28 -31.29
CA VAL B 561 -9.93 -10.33 -31.07
C VAL B 561 -10.54 -8.97 -30.72
N SER B 562 -9.71 -8.01 -30.31
CA SER B 562 -10.21 -6.66 -30.02
C SER B 562 -9.40 -5.56 -30.69
N PHE B 563 -8.12 -5.80 -30.93
CA PHE B 563 -7.27 -4.75 -31.49
C PHE B 563 -6.91 -5.02 -32.92
N LYS B 564 -7.58 -6.02 -33.51
CA LYS B 564 -7.64 -6.25 -34.95
C LYS B 564 -7.60 -4.89 -35.62
N ASP B 565 -6.38 -4.52 -36.05
CA ASP B 565 -6.01 -3.16 -36.48
C ASP B 565 -7.18 -2.35 -37.09
N THR B 566 -7.48 -1.23 -36.43
CA THR B 566 -8.80 -0.61 -36.47
C THR B 566 -8.82 0.87 -36.90
N VAL B 567 -8.13 1.68 -36.10
CA VAL B 567 -7.84 3.07 -36.44
C VAL B 567 -6.35 3.19 -36.35
N VAL B 568 -5.74 2.07 -35.99
CA VAL B 568 -4.55 2.14 -35.15
C VAL B 568 -3.35 1.29 -35.54
N PRO B 569 -2.22 1.94 -35.76
CA PRO B 569 -1.04 1.17 -35.40
C PRO B 569 -0.91 1.29 -33.87
N THR B 570 -1.62 0.41 -33.17
CA THR B 570 -1.39 0.22 -31.74
C THR B 570 -0.52 -1.02 -31.56
N ALA B 571 0.41 -0.96 -30.62
CA ALA B 571 1.11 -2.15 -30.15
C ALA B 571 0.61 -2.33 -28.72
N GLY B 572 0.60 -3.56 -28.21
CA GLY B 572 0.16 -3.77 -26.84
C GLY B 572 0.33 -5.16 -26.28
N LYS B 573 -0.20 -5.41 -25.08
CA LYS B 573 -0.20 -6.76 -24.54
C LYS B 573 -1.39 -7.09 -23.65
N THR B 574 -1.70 -8.37 -23.54
CA THR B 574 -2.91 -8.81 -22.84
C THR B 574 -2.58 -9.69 -21.65
N GLY B 575 -3.55 -9.83 -20.75
CA GLY B 575 -3.36 -10.61 -19.55
C GLY B 575 -4.66 -11.22 -19.06
N THR B 576 -4.62 -12.52 -18.85
CA THR B 576 -5.72 -13.18 -18.20
C THR B 576 -5.18 -13.74 -16.91
N ALA B 577 -5.87 -13.50 -15.81
CA ALA B 577 -5.38 -14.00 -14.54
C ALA B 577 -6.31 -15.02 -13.95
N GLU B 578 -6.37 -15.09 -12.63
CA GLU B 578 -6.87 -16.27 -11.95
C GLU B 578 -7.09 -16.00 -10.48
N VAL B 579 -8.34 -16.03 -10.05
CA VAL B 579 -8.65 -15.68 -8.67
C VAL B 579 -9.62 -16.62 -7.94
N PHE B 580 -9.13 -17.24 -6.87
CA PHE B 580 -9.94 -18.06 -5.97
C PHE B 580 -10.33 -17.37 -4.64
N GLN B 581 -10.80 -16.13 -4.71
CA GLN B 581 -11.12 -15.35 -3.49
C GLN B 581 -12.53 -15.61 -2.95
N ASN B 582 -13.31 -16.37 -3.71
CA ASN B 582 -14.58 -16.87 -3.24
C ASN B 582 -14.71 -18.24 -3.84
N GLU B 584 -14.36 -18.29 -5.12
CA GLU B 584 -14.83 -19.27 -6.08
C GLU B 584 -14.19 -18.84 -7.38
N PRO B 585 -13.62 -19.80 -8.12
CA PRO B 585 -12.74 -19.52 -9.27
C PRO B 585 -13.28 -18.49 -10.26
N ARG B 586 -13.03 -17.20 -10.03
CA ARG B 586 -13.26 -16.19 -11.08
C ARG B 586 -11.95 -15.92 -11.83
N VAL B 587 -11.96 -14.90 -12.69
CA VAL B 587 -10.75 -14.49 -13.41
C VAL B 587 -10.61 -12.99 -13.68
N ASN B 588 -9.39 -12.50 -13.48
CA ASN B 588 -9.09 -11.13 -13.87
C ASN B 588 -8.60 -10.99 -15.32
N SER B 589 -9.12 -9.97 -15.99
CA SER B 589 -8.82 -9.69 -17.39
C SER B 589 -8.22 -8.30 -17.49
N THR B 590 -6.98 -8.23 -17.99
CA THR B 590 -6.23 -6.97 -18.01
C THR B 590 -5.69 -6.65 -19.40
N TYR B 591 -5.53 -5.35 -19.67
CA TYR B 591 -5.16 -4.91 -21.02
C TYR B 591 -4.22 -3.68 -20.97
N ILE B 592 -3.03 -3.80 -21.58
CA ILE B 592 -2.14 -2.63 -21.82
C ILE B 592 -1.88 -2.46 -23.32
N GLY B 593 -1.38 -1.31 -23.73
CA GLY B 593 -1.06 -1.07 -25.13
C GLY B 593 -0.75 0.40 -25.39
N TYR B 594 -0.18 0.70 -26.56
CA TYR B 594 0.10 2.10 -26.91
C TYR B 594 -0.15 2.45 -28.36
N ALA B 595 -0.56 3.71 -28.59
CA ALA B 595 -0.97 4.11 -29.93
C ALA B 595 0.19 4.70 -30.76
N PRO B 596 -0.09 5.48 -31.83
CA PRO B 596 0.54 5.23 -33.13
C PRO B 596 2.01 4.84 -33.03
N ILE B 597 2.27 3.57 -33.31
CA ILE B 597 3.55 2.92 -33.07
C ILE B 597 4.78 3.70 -33.55
N ASP B 598 4.69 4.35 -34.70
CA ASP B 598 5.83 5.13 -35.20
C ASP B 598 6.28 6.18 -34.18
N ASP B 599 5.47 7.22 -33.96
CA ASP B 599 5.78 8.29 -33.01
C ASP B 599 4.65 8.32 -31.98
N PRO B 600 4.75 7.42 -30.97
CA PRO B 600 3.71 7.05 -30.00
C PRO B 600 3.16 8.23 -29.18
N LYS B 601 1.84 8.40 -29.19
CA LYS B 601 1.23 9.60 -28.63
C LYS B 601 0.28 9.28 -27.49
N LEU B 602 -0.07 7.99 -27.39
CA LEU B 602 -1.03 7.58 -26.37
C LEU B 602 -0.76 6.20 -25.79
N ALA B 603 -0.83 6.10 -24.47
CA ALA B 603 -0.65 4.84 -23.75
C ALA B 603 -1.86 4.62 -22.86
N PHE B 604 -2.23 3.35 -22.68
CA PHE B 604 -3.41 3.02 -21.90
C PHE B 604 -3.23 1.74 -21.10
N SER B 605 -4.08 1.56 -20.10
CA SER B 605 -4.07 0.36 -19.27
C SER B 605 -5.51 0.04 -18.81
N ILE B 606 -5.90 -1.23 -18.84
CA ILE B 606 -7.26 -1.64 -18.45
C ILE B 606 -7.21 -2.82 -17.47
N VAL B 607 -8.16 -2.87 -16.52
CA VAL B 607 -8.27 -3.98 -15.56
C VAL B 607 -9.73 -4.31 -15.24
N TYR B 608 -10.14 -5.52 -15.58
CA TYR B 608 -11.46 -6.02 -15.22
C TYR B 608 -11.30 -7.09 -14.18
N THR B 609 -11.98 -6.94 -13.05
CA THR B 609 -11.77 -7.89 -11.97
C THR B 609 -12.96 -8.80 -11.70
N ASN B 610 -12.63 -10.07 -11.47
CA ASN B 610 -13.60 -11.11 -11.11
C ASN B 610 -14.62 -11.50 -12.18
N GLN B 611 -14.23 -11.48 -13.46
CA GLN B 611 -15.04 -12.12 -14.49
C GLN B 611 -15.17 -13.60 -14.11
N PRO B 612 -16.38 -14.16 -14.22
CA PRO B 612 -16.55 -15.57 -13.82
C PRO B 612 -16.14 -16.49 -14.96
N VAL B 613 -15.58 -15.88 -16.00
CA VAL B 613 -15.46 -16.50 -17.32
C VAL B 613 -14.01 -16.63 -17.77
N PRO B 614 -13.49 -17.87 -17.74
CA PRO B 614 -12.12 -18.20 -18.17
C PRO B 614 -11.78 -18.15 -19.68
N PRO B 615 -12.45 -18.98 -20.54
CA PRO B 615 -11.98 -19.16 -21.93
C PRO B 615 -11.83 -17.83 -22.70
N PRO B 616 -10.73 -17.66 -23.48
CA PRO B 616 -10.25 -16.36 -23.99
C PRO B 616 -11.15 -15.74 -25.06
N TRP B 617 -12.37 -15.38 -24.66
CA TRP B 617 -13.40 -14.99 -25.61
C TRP B 617 -13.90 -13.53 -25.46
N LEU B 618 -13.80 -12.95 -24.27
CA LEU B 618 -14.42 -11.64 -24.01
C LEU B 618 -13.70 -10.43 -24.60
N THR B 619 -14.45 -9.66 -25.38
CA THR B 619 -13.95 -8.46 -26.06
C THR B 619 -13.84 -7.23 -25.13
N GLY B 620 -13.45 -7.46 -23.87
CA GLY B 620 -13.31 -6.38 -22.90
C GLY B 620 -12.30 -5.31 -23.30
N GLY B 621 -11.35 -5.68 -24.15
CA GLY B 621 -10.36 -4.74 -24.64
C GLY B 621 -10.87 -3.87 -25.79
N ASP B 622 -12.18 -3.92 -26.05
CA ASP B 622 -12.78 -3.06 -27.07
C ASP B 622 -12.83 -1.63 -26.59
N LEU B 623 -13.12 -1.48 -25.29
CA LEU B 623 -13.02 -0.20 -24.59
C LEU B 623 -11.67 0.43 -24.90
N GLY B 624 -10.64 -0.40 -24.91
CA GLY B 624 -9.32 -0.01 -25.36
C GLY B 624 -9.29 0.48 -26.79
N ARG B 625 -9.78 -0.32 -27.72
CA ARG B 625 -9.78 0.05 -29.13
C ARG B 625 -10.66 1.29 -29.37
N ASP B 626 -11.79 1.35 -28.67
CA ASP B 626 -12.71 2.48 -28.79
C ASP B 626 -12.02 3.85 -28.60
N VAL B 627 -11.31 4.03 -27.48
CA VAL B 627 -10.75 5.35 -27.13
C VAL B 627 -9.73 5.87 -28.14
N ILE B 628 -9.09 4.96 -28.87
CA ILE B 628 -8.10 5.39 -29.83
C ILE B 628 -8.76 5.96 -31.09
N ASN B 629 -9.90 5.39 -31.49
CA ASN B 629 -10.69 5.99 -32.56
C ASN B 629 -10.99 7.46 -32.28
N TYR B 630 -11.37 7.76 -31.03
CA TYR B 630 -11.67 9.13 -30.61
C TYR B 630 -10.43 10.01 -30.76
N TYR B 631 -9.35 9.57 -30.11
CA TYR B 631 -8.16 10.41 -29.96
C TYR B 631 -7.50 10.68 -31.30
N PHE B 632 -7.59 9.74 -32.23
CA PHE B 632 -6.94 9.93 -33.53
C PHE B 632 -7.91 10.24 -34.67
N LYS B 633 -9.18 10.44 -34.29
CA LYS B 633 -10.18 11.11 -35.10
C LYS B 633 -10.44 10.46 -36.46
#